data_2O85
# 
_entry.id   2O85 
# 
_audit_conform.dict_name       mmcif_pdbx.dic 
_audit_conform.dict_version    5.398 
_audit_conform.dict_location   http://mmcif.pdb.org/dictionaries/ascii/mmcif_pdbx.dic 
# 
loop_
_database_2.database_id 
_database_2.database_code 
_database_2.pdbx_database_accession 
_database_2.pdbx_DOI 
PDB   2O85         pdb_00002o85 10.2210/pdb2o85/pdb 
RCSB  RCSB040807   ?            ?                   
WWPDB D_1000040807 ?            ?                   
# 
loop_
_pdbx_audit_revision_history.ordinal 
_pdbx_audit_revision_history.data_content_type 
_pdbx_audit_revision_history.major_revision 
_pdbx_audit_revision_history.minor_revision 
_pdbx_audit_revision_history.revision_date 
1 'Structure model' 1 0 2007-07-24 
2 'Structure model' 1 1 2008-05-01 
3 'Structure model' 1 2 2011-07-13 
4 'Structure model' 1 3 2017-10-18 
5 'Structure model' 1 4 2021-11-10 
6 'Structure model' 1 5 2023-10-25 
7 'Structure model' 1 6 2024-11-13 
# 
_pdbx_audit_revision_details.ordinal             1 
_pdbx_audit_revision_details.revision_ordinal    1 
_pdbx_audit_revision_details.data_content_type   'Structure model' 
_pdbx_audit_revision_details.provider            repository 
_pdbx_audit_revision_details.type                'Initial release' 
_pdbx_audit_revision_details.description         ? 
_pdbx_audit_revision_details.details             ? 
# 
loop_
_pdbx_audit_revision_group.ordinal 
_pdbx_audit_revision_group.revision_ordinal 
_pdbx_audit_revision_group.data_content_type 
_pdbx_audit_revision_group.group 
1 2 'Structure model' 'Version format compliance' 
2 3 'Structure model' 'Version format compliance' 
3 4 'Structure model' 'Refinement description'    
4 5 'Structure model' 'Data collection'           
5 5 'Structure model' 'Database references'       
6 6 'Structure model' 'Data collection'           
7 6 'Structure model' 'Refinement description'    
8 7 'Structure model' 'Structure summary'         
# 
loop_
_pdbx_audit_revision_category.ordinal 
_pdbx_audit_revision_category.revision_ordinal 
_pdbx_audit_revision_category.data_content_type 
_pdbx_audit_revision_category.category 
1 4 'Structure model' software                      
2 5 'Structure model' database_2                    
3 5 'Structure model' diffrn_source                 
4 5 'Structure model' struct_ref_seq_dif            
5 6 'Structure model' chem_comp_atom                
6 6 'Structure model' chem_comp_bond                
7 6 'Structure model' pdbx_initial_refinement_model 
8 7 'Structure model' pdbx_entry_details            
9 7 'Structure model' pdbx_modification_feature     
# 
loop_
_pdbx_audit_revision_item.ordinal 
_pdbx_audit_revision_item.revision_ordinal 
_pdbx_audit_revision_item.data_content_type 
_pdbx_audit_revision_item.item 
1 4 'Structure model' '_software.name'                       
2 5 'Structure model' '_database_2.pdbx_DOI'                 
3 5 'Structure model' '_database_2.pdbx_database_accession'  
4 5 'Structure model' '_diffrn_source.pdbx_synchrotron_site' 
5 5 'Structure model' '_struct_ref_seq_dif.details'          
# 
_pdbx_database_status.status_code                     REL 
_pdbx_database_status.entry_id                        2O85 
_pdbx_database_status.recvd_initial_deposition_date   2006-12-12 
_pdbx_database_status.deposit_site                    RCSB 
_pdbx_database_status.process_site                    PDBJ 
_pdbx_database_status.status_code_sf                  REL 
_pdbx_database_status.status_code_mr                  ? 
_pdbx_database_status.SG_entry                        ? 
_pdbx_database_status.pdb_format_compatible           Y 
_pdbx_database_status.status_code_cs                  ? 
_pdbx_database_status.methods_development_category    ? 
_pdbx_database_status.status_code_nmr_data            ? 
# 
loop_
_pdbx_database_related.db_name 
_pdbx_database_related.db_id 
_pdbx_database_related.details 
_pdbx_database_related.content_type 
PDB 2O7K 'Wild-type S. aureus thioredoxin'    unspecified 
PDB 2O87 'The same protein, P31S mutant'      unspecified 
PDB 2O89 'The same protein, P31T/C32S mutant' unspecified 
# 
loop_
_audit_author.name 
_audit_author.pdbx_ordinal 
'Roos, G.'    1 
'Loris, R.'   2 
'Messens, J.' 3 
# 
_citation.id                        primary 
_citation.title                     
'The conserved active site proline determines the reducing power of Staphylococcus aureus thioredoxin' 
_citation.journal_abbrev            J.Mol.Biol. 
_citation.journal_volume            368 
_citation.page_first                800 
_citation.page_last                 811 
_citation.year                      2007 
_citation.journal_id_ASTM           JMOBAK 
_citation.country                   UK 
_citation.journal_id_ISSN           0022-2836 
_citation.journal_id_CSD            0070 
_citation.book_publisher            ? 
_citation.pdbx_database_id_PubMed   17368484 
_citation.pdbx_database_id_DOI      10.1016/j.jmb.2007.02.045 
# 
loop_
_citation_author.citation_id 
_citation_author.name 
_citation_author.ordinal 
_citation_author.identifier_ORCID 
primary 'Roos, G.'          1 ? 
primary 'Garcia-Pino, A.'   2 ? 
primary 'Van Belle, K.'     3 ? 
primary 'Brosens, E.'       4 ? 
primary 'Wahni, K.'         5 ? 
primary 'Vandenbussche, G.' 6 ? 
primary 'Wyns, L.'          7 ? 
primary 'Loris, R.'         8 ? 
primary 'Messens, J.'       9 ? 
# 
loop_
_entity.id 
_entity.type 
_entity.src_method 
_entity.pdbx_description 
_entity.formula_weight 
_entity.pdbx_number_of_molecules 
_entity.pdbx_ec 
_entity.pdbx_mutation 
_entity.pdbx_fragment 
_entity.details 
1 polymer man Thioredoxin 11737.391 1  ? P31T ? ? 
2 water   nat water       18.015    40 ? ?    ? ? 
# 
_entity_name_com.entity_id   1 
_entity_name_com.name        TRX 
# 
_entity_poly.entity_id                      1 
_entity_poly.type                           'polypeptide(L)' 
_entity_poly.nstd_linkage                   no 
_entity_poly.nstd_monomer                   no 
_entity_poly.pdbx_seq_one_letter_code       
;GSHMAIVKVTDADFDSKVESGVQLVDFWATWCGTCKMIAPVLEELAADYEGKADILKLDVDENPSTAAKYEVMSIPTLIV
FKDGQPVDKVVGFQPKENLAEVLDKHL
;
_entity_poly.pdbx_seq_one_letter_code_can   
;GSHMAIVKVTDADFDSKVESGVQLVDFWATWCGTCKMIAPVLEELAADYEGKADILKLDVDENPSTAAKYEVMSIPTLIV
FKDGQPVDKVVGFQPKENLAEVLDKHL
;
_entity_poly.pdbx_strand_id                 A 
_entity_poly.pdbx_target_identifier         ? 
# 
_pdbx_entity_nonpoly.entity_id   2 
_pdbx_entity_nonpoly.name        water 
_pdbx_entity_nonpoly.comp_id     HOH 
# 
loop_
_entity_poly_seq.entity_id 
_entity_poly_seq.num 
_entity_poly_seq.mon_id 
_entity_poly_seq.hetero 
1 1   GLY n 
1 2   SER n 
1 3   HIS n 
1 4   MET n 
1 5   ALA n 
1 6   ILE n 
1 7   VAL n 
1 8   LYS n 
1 9   VAL n 
1 10  THR n 
1 11  ASP n 
1 12  ALA n 
1 13  ASP n 
1 14  PHE n 
1 15  ASP n 
1 16  SER n 
1 17  LYS n 
1 18  VAL n 
1 19  GLU n 
1 20  SER n 
1 21  GLY n 
1 22  VAL n 
1 23  GLN n 
1 24  LEU n 
1 25  VAL n 
1 26  ASP n 
1 27  PHE n 
1 28  TRP n 
1 29  ALA n 
1 30  THR n 
1 31  TRP n 
1 32  CYS n 
1 33  GLY n 
1 34  THR n 
1 35  CYS n 
1 36  LYS n 
1 37  MET n 
1 38  ILE n 
1 39  ALA n 
1 40  PRO n 
1 41  VAL n 
1 42  LEU n 
1 43  GLU n 
1 44  GLU n 
1 45  LEU n 
1 46  ALA n 
1 47  ALA n 
1 48  ASP n 
1 49  TYR n 
1 50  GLU n 
1 51  GLY n 
1 52  LYS n 
1 53  ALA n 
1 54  ASP n 
1 55  ILE n 
1 56  LEU n 
1 57  LYS n 
1 58  LEU n 
1 59  ASP n 
1 60  VAL n 
1 61  ASP n 
1 62  GLU n 
1 63  ASN n 
1 64  PRO n 
1 65  SER n 
1 66  THR n 
1 67  ALA n 
1 68  ALA n 
1 69  LYS n 
1 70  TYR n 
1 71  GLU n 
1 72  VAL n 
1 73  MET n 
1 74  SER n 
1 75  ILE n 
1 76  PRO n 
1 77  THR n 
1 78  LEU n 
1 79  ILE n 
1 80  VAL n 
1 81  PHE n 
1 82  LYS n 
1 83  ASP n 
1 84  GLY n 
1 85  GLN n 
1 86  PRO n 
1 87  VAL n 
1 88  ASP n 
1 89  LYS n 
1 90  VAL n 
1 91  VAL n 
1 92  GLY n 
1 93  PHE n 
1 94  GLN n 
1 95  PRO n 
1 96  LYS n 
1 97  GLU n 
1 98  ASN n 
1 99  LEU n 
1 100 ALA n 
1 101 GLU n 
1 102 VAL n 
1 103 LEU n 
1 104 ASP n 
1 105 LYS n 
1 106 HIS n 
1 107 LEU n 
# 
_entity_src_gen.entity_id                          1 
_entity_src_gen.pdbx_src_id                        1 
_entity_src_gen.pdbx_alt_source_flag               sample 
_entity_src_gen.pdbx_seq_type                      ? 
_entity_src_gen.pdbx_beg_seq_num                   ? 
_entity_src_gen.pdbx_end_seq_num                   ? 
_entity_src_gen.gene_src_common_name               ? 
_entity_src_gen.gene_src_genus                     Staphylococcus 
_entity_src_gen.pdbx_gene_src_gene                 trxA 
_entity_src_gen.gene_src_species                   ? 
_entity_src_gen.gene_src_strain                    ? 
_entity_src_gen.gene_src_tissue                    ? 
_entity_src_gen.gene_src_tissue_fraction           ? 
_entity_src_gen.gene_src_details                   ? 
_entity_src_gen.pdbx_gene_src_fragment             ? 
_entity_src_gen.pdbx_gene_src_scientific_name      'Staphylococcus aureus' 
_entity_src_gen.pdbx_gene_src_ncbi_taxonomy_id     1280 
_entity_src_gen.pdbx_gene_src_variant              ? 
_entity_src_gen.pdbx_gene_src_cell_line            ? 
_entity_src_gen.pdbx_gene_src_atcc                 ? 
_entity_src_gen.pdbx_gene_src_organ                ? 
_entity_src_gen.pdbx_gene_src_organelle            ? 
_entity_src_gen.pdbx_gene_src_cell                 ? 
_entity_src_gen.pdbx_gene_src_cellular_location    ? 
_entity_src_gen.host_org_common_name               ? 
_entity_src_gen.pdbx_host_org_scientific_name      'Escherichia coli BL21' 
_entity_src_gen.pdbx_host_org_ncbi_taxonomy_id     511693 
_entity_src_gen.host_org_genus                     Escherichia 
_entity_src_gen.pdbx_host_org_gene                 ? 
_entity_src_gen.pdbx_host_org_organ                ? 
_entity_src_gen.host_org_species                   'Escherichia coli' 
_entity_src_gen.pdbx_host_org_tissue               ? 
_entity_src_gen.pdbx_host_org_tissue_fraction      ? 
_entity_src_gen.pdbx_host_org_strain               BL21 
_entity_src_gen.pdbx_host_org_variant              ? 
_entity_src_gen.pdbx_host_org_cell_line            ? 
_entity_src_gen.pdbx_host_org_atcc                 ? 
_entity_src_gen.pdbx_host_org_culture_collection   ? 
_entity_src_gen.pdbx_host_org_cell                 ? 
_entity_src_gen.pdbx_host_org_organelle            ? 
_entity_src_gen.pdbx_host_org_cellular_location    ? 
_entity_src_gen.pdbx_host_org_vector_type          plasmid 
_entity_src_gen.pdbx_host_org_vector               ? 
_entity_src_gen.host_org_details                   ? 
_entity_src_gen.expression_system_id               ? 
_entity_src_gen.plasmid_name                       pET-14b 
_entity_src_gen.plasmid_details                    ? 
_entity_src_gen.pdbx_description                   ? 
# 
loop_
_chem_comp.id 
_chem_comp.type 
_chem_comp.mon_nstd_flag 
_chem_comp.name 
_chem_comp.pdbx_synonyms 
_chem_comp.formula 
_chem_comp.formula_weight 
ALA 'L-peptide linking' y ALANINE         ? 'C3 H7 N O2'     89.093  
ASN 'L-peptide linking' y ASPARAGINE      ? 'C4 H8 N2 O3'    132.118 
ASP 'L-peptide linking' y 'ASPARTIC ACID' ? 'C4 H7 N O4'     133.103 
CYS 'L-peptide linking' y CYSTEINE        ? 'C3 H7 N O2 S'   121.158 
GLN 'L-peptide linking' y GLUTAMINE       ? 'C5 H10 N2 O3'   146.144 
GLU 'L-peptide linking' y 'GLUTAMIC ACID' ? 'C5 H9 N O4'     147.129 
GLY 'peptide linking'   y GLYCINE         ? 'C2 H5 N O2'     75.067  
HIS 'L-peptide linking' y HISTIDINE       ? 'C6 H10 N3 O2 1' 156.162 
HOH non-polymer         . WATER           ? 'H2 O'           18.015  
ILE 'L-peptide linking' y ISOLEUCINE      ? 'C6 H13 N O2'    131.173 
LEU 'L-peptide linking' y LEUCINE         ? 'C6 H13 N O2'    131.173 
LYS 'L-peptide linking' y LYSINE          ? 'C6 H15 N2 O2 1' 147.195 
MET 'L-peptide linking' y METHIONINE      ? 'C5 H11 N O2 S'  149.211 
PHE 'L-peptide linking' y PHENYLALANINE   ? 'C9 H11 N O2'    165.189 
PRO 'L-peptide linking' y PROLINE         ? 'C5 H9 N O2'     115.130 
SER 'L-peptide linking' y SERINE          ? 'C3 H7 N O3'     105.093 
THR 'L-peptide linking' y THREONINE       ? 'C4 H9 N O3'     119.119 
TRP 'L-peptide linking' y TRYPTOPHAN      ? 'C11 H12 N2 O2'  204.225 
TYR 'L-peptide linking' y TYROSINE        ? 'C9 H11 N O3'    181.189 
VAL 'L-peptide linking' y VALINE          ? 'C5 H11 N O2'    117.146 
# 
loop_
_pdbx_poly_seq_scheme.asym_id 
_pdbx_poly_seq_scheme.entity_id 
_pdbx_poly_seq_scheme.seq_id 
_pdbx_poly_seq_scheme.mon_id 
_pdbx_poly_seq_scheme.ndb_seq_num 
_pdbx_poly_seq_scheme.pdb_seq_num 
_pdbx_poly_seq_scheme.auth_seq_num 
_pdbx_poly_seq_scheme.pdb_mon_id 
_pdbx_poly_seq_scheme.auth_mon_id 
_pdbx_poly_seq_scheme.pdb_strand_id 
_pdbx_poly_seq_scheme.pdb_ins_code 
_pdbx_poly_seq_scheme.hetero 
A 1 1   GLY 1   -2  ?   ?   ?   A . n 
A 1 2   SER 2   -1  ?   ?   ?   A . n 
A 1 3   HIS 3   0   ?   ?   ?   A . n 
A 1 4   MET 4   1   ?   ?   ?   A . n 
A 1 5   ALA 5   2   2   ALA ALA A . n 
A 1 6   ILE 6   3   3   ILE ILE A . n 
A 1 7   VAL 7   4   4   VAL VAL A . n 
A 1 8   LYS 8   5   5   LYS LYS A . n 
A 1 9   VAL 9   6   6   VAL VAL A . n 
A 1 10  THR 10  7   7   THR THR A . n 
A 1 11  ASP 11  8   8   ASP ASP A . n 
A 1 12  ALA 12  9   9   ALA ALA A . n 
A 1 13  ASP 13  10  10  ASP ASP A . n 
A 1 14  PHE 14  11  11  PHE PHE A . n 
A 1 15  ASP 15  12  12  ASP ASP A . n 
A 1 16  SER 16  13  13  SER SER A . n 
A 1 17  LYS 17  14  14  LYS LYS A . n 
A 1 18  VAL 18  15  15  VAL VAL A . n 
A 1 19  GLU 19  16  16  GLU GLU A . n 
A 1 20  SER 20  17  17  SER SER A . n 
A 1 21  GLY 21  18  18  GLY GLY A . n 
A 1 22  VAL 22  19  19  VAL VAL A . n 
A 1 23  GLN 23  20  20  GLN GLN A . n 
A 1 24  LEU 24  21  21  LEU LEU A . n 
A 1 25  VAL 25  22  22  VAL VAL A . n 
A 1 26  ASP 26  23  23  ASP ASP A . n 
A 1 27  PHE 27  24  24  PHE PHE A . n 
A 1 28  TRP 28  25  25  TRP TRP A . n 
A 1 29  ALA 29  26  26  ALA ALA A . n 
A 1 30  THR 30  27  27  THR THR A . n 
A 1 31  TRP 31  28  28  TRP TRP A . n 
A 1 32  CYS 32  29  29  CYS CYS A . n 
A 1 33  GLY 33  30  30  GLY GLY A . n 
A 1 34  THR 34  31  31  THR THR A . n 
A 1 35  CYS 35  32  32  CYS CYS A . n 
A 1 36  LYS 36  33  33  LYS LYS A . n 
A 1 37  MET 37  34  34  MET MET A . n 
A 1 38  ILE 38  35  35  ILE ILE A . n 
A 1 39  ALA 39  36  36  ALA ALA A . n 
A 1 40  PRO 40  37  37  PRO PRO A . n 
A 1 41  VAL 41  38  38  VAL VAL A . n 
A 1 42  LEU 42  39  39  LEU LEU A . n 
A 1 43  GLU 43  40  40  GLU GLU A . n 
A 1 44  GLU 44  41  41  GLU GLU A . n 
A 1 45  LEU 45  42  42  LEU LEU A . n 
A 1 46  ALA 46  43  43  ALA ALA A . n 
A 1 47  ALA 47  44  44  ALA ALA A . n 
A 1 48  ASP 48  45  45  ASP ASP A . n 
A 1 49  TYR 49  46  46  TYR TYR A . n 
A 1 50  GLU 50  47  47  GLU GLU A . n 
A 1 51  GLY 51  48  48  GLY GLY A . n 
A 1 52  LYS 52  49  49  LYS LYS A . n 
A 1 53  ALA 53  50  50  ALA ALA A . n 
A 1 54  ASP 54  51  51  ASP ASP A . n 
A 1 55  ILE 55  52  52  ILE ILE A . n 
A 1 56  LEU 56  53  53  LEU LEU A . n 
A 1 57  LYS 57  54  54  LYS LYS A . n 
A 1 58  LEU 58  55  55  LEU LEU A . n 
A 1 59  ASP 59  56  56  ASP ASP A . n 
A 1 60  VAL 60  57  57  VAL VAL A . n 
A 1 61  ASP 61  58  58  ASP ASP A . n 
A 1 62  GLU 62  59  59  GLU GLU A . n 
A 1 63  ASN 63  60  60  ASN ASN A . n 
A 1 64  PRO 64  61  61  PRO PRO A . n 
A 1 65  SER 65  62  62  SER SER A . n 
A 1 66  THR 66  63  63  THR THR A . n 
A 1 67  ALA 67  64  64  ALA ALA A . n 
A 1 68  ALA 68  65  65  ALA ALA A . n 
A 1 69  LYS 69  66  66  LYS LYS A . n 
A 1 70  TYR 70  67  67  TYR TYR A . n 
A 1 71  GLU 71  68  68  GLU GLU A . n 
A 1 72  VAL 72  69  69  VAL VAL A . n 
A 1 73  MET 73  70  70  MET MET A . n 
A 1 74  SER 74  71  71  SER SER A . n 
A 1 75  ILE 75  72  72  ILE ILE A . n 
A 1 76  PRO 76  73  73  PRO PRO A . n 
A 1 77  THR 77  74  74  THR THR A . n 
A 1 78  LEU 78  75  75  LEU LEU A . n 
A 1 79  ILE 79  76  76  ILE ILE A . n 
A 1 80  VAL 80  77  77  VAL VAL A . n 
A 1 81  PHE 81  78  78  PHE PHE A . n 
A 1 82  LYS 82  79  79  LYS LYS A . n 
A 1 83  ASP 83  80  80  ASP ASP A . n 
A 1 84  GLY 84  81  81  GLY GLY A . n 
A 1 85  GLN 85  82  82  GLN GLN A . n 
A 1 86  PRO 86  83  83  PRO PRO A . n 
A 1 87  VAL 87  84  84  VAL VAL A . n 
A 1 88  ASP 88  85  85  ASP ASP A . n 
A 1 89  LYS 89  86  86  LYS LYS A . n 
A 1 90  VAL 90  87  87  VAL VAL A . n 
A 1 91  VAL 91  88  88  VAL VAL A . n 
A 1 92  GLY 92  89  89  GLY GLY A . n 
A 1 93  PHE 93  90  90  PHE PHE A . n 
A 1 94  GLN 94  91  91  GLN GLN A . n 
A 1 95  PRO 95  92  92  PRO PRO A . n 
A 1 96  LYS 96  93  93  LYS LYS A . n 
A 1 97  GLU 97  94  94  GLU GLU A . n 
A 1 98  ASN 98  95  95  ASN ASN A . n 
A 1 99  LEU 99  96  96  LEU LEU A . n 
A 1 100 ALA 100 97  97  ALA ALA A . n 
A 1 101 GLU 101 98  98  GLU GLU A . n 
A 1 102 VAL 102 99  99  VAL VAL A . n 
A 1 103 LEU 103 100 100 LEU LEU A . n 
A 1 104 ASP 104 101 101 ASP ASP A . n 
A 1 105 LYS 105 102 102 LYS LYS A . n 
A 1 106 HIS 106 103 103 HIS HIS A . n 
A 1 107 LEU 107 104 104 LEU LEU A . n 
# 
loop_
_pdbx_nonpoly_scheme.asym_id 
_pdbx_nonpoly_scheme.entity_id 
_pdbx_nonpoly_scheme.mon_id 
_pdbx_nonpoly_scheme.ndb_seq_num 
_pdbx_nonpoly_scheme.pdb_seq_num 
_pdbx_nonpoly_scheme.auth_seq_num 
_pdbx_nonpoly_scheme.pdb_mon_id 
_pdbx_nonpoly_scheme.auth_mon_id 
_pdbx_nonpoly_scheme.pdb_strand_id 
_pdbx_nonpoly_scheme.pdb_ins_code 
B 2 HOH 1  105 1  HOH HOH A . 
B 2 HOH 2  106 2  HOH HOH A . 
B 2 HOH 3  107 3  HOH HOH A . 
B 2 HOH 4  108 4  HOH HOH A . 
B 2 HOH 5  109 5  HOH HOH A . 
B 2 HOH 6  110 6  HOH HOH A . 
B 2 HOH 7  111 7  HOH HOH A . 
B 2 HOH 8  112 8  HOH HOH A . 
B 2 HOH 9  113 9  HOH HOH A . 
B 2 HOH 10 114 10 HOH HOH A . 
B 2 HOH 11 115 11 HOH HOH A . 
B 2 HOH 12 116 12 HOH HOH A . 
B 2 HOH 13 117 13 HOH HOH A . 
B 2 HOH 14 118 14 HOH HOH A . 
B 2 HOH 15 119 15 HOH HOH A . 
B 2 HOH 16 120 16 HOH HOH A . 
B 2 HOH 17 121 17 HOH HOH A . 
B 2 HOH 18 122 18 HOH HOH A . 
B 2 HOH 19 123 19 HOH HOH A . 
B 2 HOH 20 124 20 HOH HOH A . 
B 2 HOH 21 125 21 HOH HOH A . 
B 2 HOH 22 126 22 HOH HOH A . 
B 2 HOH 23 127 23 HOH HOH A . 
B 2 HOH 24 128 24 HOH HOH A . 
B 2 HOH 25 129 25 HOH HOH A . 
B 2 HOH 26 130 26 HOH HOH A . 
B 2 HOH 27 131 27 HOH HOH A . 
B 2 HOH 28 132 28 HOH HOH A . 
B 2 HOH 29 133 29 HOH HOH A . 
B 2 HOH 30 134 30 HOH HOH A . 
B 2 HOH 31 135 31 HOH HOH A . 
B 2 HOH 32 136 32 HOH HOH A . 
B 2 HOH 33 137 33 HOH HOH A . 
B 2 HOH 34 138 34 HOH HOH A . 
B 2 HOH 35 139 35 HOH HOH A . 
B 2 HOH 36 140 36 HOH HOH A . 
B 2 HOH 37 141 37 HOH HOH A . 
B 2 HOH 38 142 38 HOH HOH A . 
B 2 HOH 39 143 39 HOH HOH A . 
B 2 HOH 40 144 40 HOH HOH A . 
# 
loop_
_pdbx_unobs_or_zero_occ_atoms.id 
_pdbx_unobs_or_zero_occ_atoms.PDB_model_num 
_pdbx_unobs_or_zero_occ_atoms.polymer_flag 
_pdbx_unobs_or_zero_occ_atoms.occupancy_flag 
_pdbx_unobs_or_zero_occ_atoms.auth_asym_id 
_pdbx_unobs_or_zero_occ_atoms.auth_comp_id 
_pdbx_unobs_or_zero_occ_atoms.auth_seq_id 
_pdbx_unobs_or_zero_occ_atoms.PDB_ins_code 
_pdbx_unobs_or_zero_occ_atoms.auth_atom_id 
_pdbx_unobs_or_zero_occ_atoms.label_alt_id 
_pdbx_unobs_or_zero_occ_atoms.label_asym_id 
_pdbx_unobs_or_zero_occ_atoms.label_comp_id 
_pdbx_unobs_or_zero_occ_atoms.label_seq_id 
_pdbx_unobs_or_zero_occ_atoms.label_atom_id 
1  1 Y 1 A LYS 5   ? CG  ? A LYS 8   CG  
2  1 Y 1 A LYS 5   ? CD  ? A LYS 8   CD  
3  1 Y 1 A LYS 5   ? CE  ? A LYS 8   CE  
4  1 Y 1 A LYS 5   ? NZ  ? A LYS 8   NZ  
5  1 Y 1 A GLU 16  ? CG  ? A GLU 19  CG  
6  1 Y 1 A GLU 16  ? CD  ? A GLU 19  CD  
7  1 Y 1 A GLU 16  ? OE1 ? A GLU 19  OE1 
8  1 Y 1 A GLU 16  ? OE2 ? A GLU 19  OE2 
9  1 Y 1 A LYS 33  ? CG  ? A LYS 36  CG  
10 1 Y 1 A LYS 33  ? CD  ? A LYS 36  CD  
11 1 Y 1 A LYS 33  ? CE  ? A LYS 36  CE  
12 1 Y 1 A LYS 33  ? NZ  ? A LYS 36  NZ  
13 1 Y 1 A GLU 41  ? CG  ? A GLU 44  CG  
14 1 Y 1 A GLU 41  ? CD  ? A GLU 44  CD  
15 1 Y 1 A GLU 41  ? OE1 ? A GLU 44  OE1 
16 1 Y 1 A GLU 41  ? OE2 ? A GLU 44  OE2 
17 1 Y 1 A GLU 47  ? CG  ? A GLU 50  CG  
18 1 Y 1 A GLU 47  ? CD  ? A GLU 50  CD  
19 1 Y 1 A GLU 47  ? OE1 ? A GLU 50  OE1 
20 1 Y 1 A GLU 47  ? OE2 ? A GLU 50  OE2 
21 1 Y 1 A LYS 49  ? CG  ? A LYS 52  CG  
22 1 Y 1 A LYS 49  ? CD  ? A LYS 52  CD  
23 1 Y 1 A LYS 49  ? CE  ? A LYS 52  CE  
24 1 Y 1 A LYS 49  ? NZ  ? A LYS 52  NZ  
25 1 Y 1 A GLU 59  ? CD  ? A GLU 62  CD  
26 1 Y 1 A GLU 59  ? OE1 ? A GLU 62  OE1 
27 1 Y 1 A GLU 59  ? OE2 ? A GLU 62  OE2 
28 1 Y 1 A SER 71  ? OG  ? A SER 74  OG  
29 1 Y 1 A LYS 79  ? NZ  ? A LYS 82  NZ  
30 1 Y 1 A LYS 86  ? NZ  ? A LYS 89  NZ  
31 1 Y 1 A LYS 93  ? CD  ? A LYS 96  CD  
32 1 Y 1 A LYS 93  ? CE  ? A LYS 96  CE  
33 1 Y 1 A LYS 93  ? NZ  ? A LYS 96  NZ  
34 1 Y 1 A GLU 98  ? CD  ? A GLU 101 CD  
35 1 Y 1 A GLU 98  ? OE1 ? A GLU 101 OE1 
36 1 Y 1 A GLU 98  ? OE2 ? A GLU 101 OE2 
37 1 Y 1 A LYS 102 ? CD  ? A LYS 105 CD  
38 1 Y 1 A LYS 102 ? CE  ? A LYS 105 CE  
39 1 Y 1 A LYS 102 ? NZ  ? A LYS 105 NZ  
# 
loop_
_software.name 
_software.classification 
_software.version 
_software.citation_id 
_software.pdbx_ordinal 
MAR345    'data collection' .          ? 1 
not       'model building'  applicable ? 2 
CNS       refinement        .          ? 3 
DENZO     'data reduction'  .          ? 4 
SCALEPACK 'data scaling'    .          ? 5 
not       phasing           applicable ? 6 
# 
_cell.entry_id           2O85 
_cell.length_a           41.717 
_cell.length_b           49.452 
_cell.length_c           54.473 
_cell.angle_alpha        90.0 
_cell.angle_beta         90.0 
_cell.angle_gamma        90.0 
_cell.pdbx_unique_axis   ? 
_cell.Z_PDB              4 
_cell.length_a_esd       ? 
_cell.length_b_esd       ? 
_cell.length_c_esd       ? 
_cell.angle_alpha_esd    ? 
_cell.angle_beta_esd     ? 
_cell.angle_gamma_esd    ? 
# 
_symmetry.entry_id                         2O85 
_symmetry.space_group_name_H-M             'P 21 21 21' 
_symmetry.pdbx_full_space_group_name_H-M   ? 
_symmetry.Int_Tables_number                19 
_symmetry.cell_setting                     ? 
_symmetry.space_group_name_Hall            ? 
# 
_exptl.entry_id          2O85 
_exptl.method            'X-RAY DIFFRACTION' 
_exptl.crystals_number   1 
# 
_exptl_crystal.id                    1 
_exptl_crystal.density_meas          ? 
_exptl_crystal.density_Matthews      2.39 
_exptl_crystal.density_percent_sol   48.59 
_exptl_crystal.description           ? 
_exptl_crystal.F_000                 ? 
_exptl_crystal.preparation           ? 
# 
_exptl_crystal_grow.crystal_id      1 
_exptl_crystal_grow.method          'VAPOR DIFFUSION, HANGING DROP' 
_exptl_crystal_grow.temp            298 
_exptl_crystal_grow.temp_details    ? 
_exptl_crystal_grow.pH              8.5 
_exptl_crystal_grow.pdbx_details    '0.1M TRIS, 0.2M MgCl2, 30% PEG4000, pH 8.5, VAPOR DIFFUSION, HANGING DROP, temperature 298K' 
_exptl_crystal_grow.pdbx_pH_range   . 
# 
_diffrn.id                     1 
_diffrn.ambient_temp           293 
_diffrn.ambient_temp_details   ? 
_diffrn.crystal_id             1 
# 
_diffrn_detector.diffrn_id              1 
_diffrn_detector.detector               CCD 
_diffrn_detector.type                   'MAR CCD 165 mm' 
_diffrn_detector.pdbx_collection_date   ? 
_diffrn_detector.details                ? 
# 
_diffrn_radiation.diffrn_id                        1 
_diffrn_radiation.wavelength_id                    1 
_diffrn_radiation.pdbx_monochromatic_or_laue_m_l   M 
_diffrn_radiation.monochromator                    ? 
_diffrn_radiation.pdbx_diffrn_protocol             'SINGLE WAVELENGTH' 
_diffrn_radiation.pdbx_scattering_type             x-ray 
# 
_diffrn_radiation_wavelength.id           1 
_diffrn_radiation_wavelength.wavelength   0.9184 
_diffrn_radiation_wavelength.wt           1.0 
# 
_diffrn_source.diffrn_id                   1 
_diffrn_source.source                      SYNCHROTRON 
_diffrn_source.type                        'EMBL/DESY, HAMBURG BEAMLINE BW7A' 
_diffrn_source.pdbx_synchrotron_site       'EMBL/DESY, HAMBURG' 
_diffrn_source.pdbx_synchrotron_beamline   BW7A 
_diffrn_source.pdbx_wavelength             ? 
_diffrn_source.pdbx_wavelength_list        0.9184 
# 
_reflns.entry_id                     2O85 
_reflns.observed_criterion_sigma_F   ? 
_reflns.observed_criterion_sigma_I   ? 
_reflns.d_resolution_high            2.2 
_reflns.d_resolution_low             15.0 
_reflns.number_all                   6140 
_reflns.number_obs                   6140 
_reflns.percent_possible_obs         99.4 
_reflns.pdbx_Rmerge_I_obs            0.058 
_reflns.pdbx_Rsym_value              ? 
_reflns.pdbx_netI_over_sigmaI        16.9 
_reflns.B_iso_Wilson_estimate        ? 
_reflns.pdbx_redundancy              4.76 
_reflns.R_free_details               ? 
_reflns.limit_h_max                  ? 
_reflns.limit_h_min                  ? 
_reflns.limit_k_max                  ? 
_reflns.limit_k_min                  ? 
_reflns.limit_l_max                  ? 
_reflns.limit_l_min                  ? 
_reflns.observed_criterion_F_max     ? 
_reflns.observed_criterion_F_min     ? 
_reflns.pdbx_chi_squared             ? 
_reflns.pdbx_scaling_rejects         ? 
_reflns.pdbx_diffrn_id               1 
_reflns.pdbx_ordinal                 1 
# 
_reflns_shell.d_res_high             2.2 
_reflns_shell.d_res_low              2.3 
_reflns_shell.percent_possible_all   99.0 
_reflns_shell.Rmerge_I_obs           0.431 
_reflns_shell.pdbx_Rsym_value        ? 
_reflns_shell.meanI_over_sigI_obs    4.2 
_reflns_shell.pdbx_redundancy        4.72 
_reflns_shell.percent_possible_obs   ? 
_reflns_shell.number_unique_all      590 
_reflns_shell.number_measured_all    ? 
_reflns_shell.number_measured_obs    ? 
_reflns_shell.number_unique_obs      ? 
_reflns_shell.pdbx_chi_squared       ? 
_reflns_shell.pdbx_diffrn_id         ? 
_reflns_shell.pdbx_ordinal           1 
# 
_refine.entry_id                                 2O85 
_refine.ls_d_res_high                            2.2 
_refine.ls_d_res_low                             15.0 
_refine.pdbx_ls_sigma_F                          ? 
_refine.pdbx_ls_sigma_I                          0.0 
_refine.ls_number_reflns_all                     6140 
_refine.ls_number_reflns_obs                     6140 
_refine.ls_number_reflns_R_free                  644 
_refine.ls_percent_reflns_obs                    ? 
_refine.ls_R_factor_all                          ? 
_refine.ls_R_factor_obs                          ? 
_refine.ls_R_factor_R_work                       0.196 
_refine.ls_R_factor_R_free                       0.245 
_refine.ls_redundancy_reflns_obs                 ? 
_refine.pdbx_data_cutoff_high_absF               ? 
_refine.pdbx_data_cutoff_low_absF                ? 
_refine.ls_number_parameters                     ? 
_refine.ls_number_restraints                     ? 
_refine.ls_percent_reflns_R_free                 ? 
_refine.ls_R_factor_R_free_error                 ? 
_refine.ls_R_factor_R_free_error_details         ? 
_refine.pdbx_method_to_determine_struct          'isomorphous substitution' 
_refine.pdbx_starting_model                      2O7K 
_refine.pdbx_ls_cross_valid_method               thoughout 
_refine.pdbx_R_Free_selection_details            random 
_refine.pdbx_stereochem_target_val_spec_case     ? 
_refine.pdbx_stereochemistry_target_values       'Engh & Huber' 
_refine.solvent_model_details                    ? 
_refine.solvent_model_param_bsol                 ? 
_refine.solvent_model_param_ksol                 ? 
_refine.occupancy_max                            ? 
_refine.occupancy_min                            ? 
_refine.pdbx_isotropic_thermal_model             ? 
_refine.B_iso_mean                               ? 
_refine.aniso_B[1][1]                            ? 
_refine.aniso_B[1][2]                            ? 
_refine.aniso_B[1][3]                            ? 
_refine.aniso_B[2][2]                            ? 
_refine.aniso_B[2][3]                            ? 
_refine.aniso_B[3][3]                            ? 
_refine.details                                  ? 
_refine.B_iso_min                                ? 
_refine.B_iso_max                                ? 
_refine.correlation_coeff_Fo_to_Fc               ? 
_refine.correlation_coeff_Fo_to_Fc_free          ? 
_refine.pdbx_solvent_vdw_probe_radii             ? 
_refine.pdbx_solvent_ion_probe_radii             ? 
_refine.pdbx_solvent_shrinkage_radii             ? 
_refine.overall_SU_R_Cruickshank_DPI             ? 
_refine.overall_SU_R_free                        ? 
_refine.overall_SU_ML                            ? 
_refine.overall_SU_B                             ? 
_refine.pdbx_overall_ESU_R_Free                  ? 
_refine.pdbx_data_cutoff_high_rms_absF           ? 
_refine.pdbx_overall_ESU_R                       ? 
_refine.ls_wR_factor_R_free                      ? 
_refine.ls_wR_factor_R_work                      ? 
_refine.overall_FOM_free_R_set                   ? 
_refine.overall_FOM_work_R_set                   ? 
_refine.pdbx_refine_id                           'X-RAY DIFFRACTION' 
_refine.pdbx_diffrn_id                           1 
_refine.pdbx_TLS_residual_ADP_flag               ? 
_refine.pdbx_overall_phase_error                 ? 
_refine.pdbx_overall_SU_R_free_Cruickshank_DPI   ? 
_refine.pdbx_overall_SU_R_Blow_DPI               ? 
_refine.pdbx_overall_SU_R_free_Blow_DPI          ? 
# 
_refine_hist.pdbx_refine_id                   'X-RAY DIFFRACTION' 
_refine_hist.cycle_id                         LAST 
_refine_hist.pdbx_number_atoms_protein        756 
_refine_hist.pdbx_number_atoms_nucleic_acid   0 
_refine_hist.pdbx_number_atoms_ligand         0 
_refine_hist.number_atoms_solvent             40 
_refine_hist.number_atoms_total               796 
_refine_hist.d_res_high                       2.2 
_refine_hist.d_res_low                        15.0 
# 
loop_
_refine_ls_restr.type 
_refine_ls_restr.dev_ideal 
_refine_ls_restr.dev_ideal_target 
_refine_ls_restr.weight 
_refine_ls_restr.number 
_refine_ls_restr.pdbx_refine_id 
_refine_ls_restr.pdbx_restraint_function 
c_bond_d    0.006 ? ? ? 'X-RAY DIFFRACTION' ? 
c_angle_deg 1.359 ? ? ? 'X-RAY DIFFRACTION' ? 
# 
_struct.entry_id                  2O85 
_struct.title                     'S. Aureus thioredoxin P31T mutant' 
_struct.pdbx_model_details        ? 
_struct.pdbx_CASP_flag            ? 
_struct.pdbx_model_type_details   ? 
# 
_struct_keywords.entry_id        2O85 
_struct_keywords.pdbx_keywords   'ELECTRON TRANSPORT' 
_struct_keywords.text            'thioredoxin, oxidoreductase, redox enzyme, ELECTRON TRANSPORT' 
# 
loop_
_struct_asym.id 
_struct_asym.pdbx_blank_PDB_chainid_flag 
_struct_asym.pdbx_modified 
_struct_asym.entity_id 
_struct_asym.details 
A N N 1 ? 
B N N 2 ? 
# 
_struct_ref.id                         1 
_struct_ref.db_name                    UNP 
_struct_ref.db_code                    THIO_STAAU 
_struct_ref.pdbx_db_accession          P0A0K6 
_struct_ref.entity_id                  1 
_struct_ref.pdbx_seq_one_letter_code   
;MAIVKVTDADFDSKVESGVQLVDFWATWCGPCKMIAPVLEELAADYEGKADILKLDVDENPSTAAKYEVMSIPTLIVFKD
GQPVDKVVGFQPKENLAEVLDKHL
;
_struct_ref.pdbx_align_begin           1 
_struct_ref.pdbx_db_isoform            ? 
# 
_struct_ref_seq.align_id                      1 
_struct_ref_seq.ref_id                        1 
_struct_ref_seq.pdbx_PDB_id_code              2O85 
_struct_ref_seq.pdbx_strand_id                A 
_struct_ref_seq.seq_align_beg                 4 
_struct_ref_seq.pdbx_seq_align_beg_ins_code   ? 
_struct_ref_seq.seq_align_end                 107 
_struct_ref_seq.pdbx_seq_align_end_ins_code   ? 
_struct_ref_seq.pdbx_db_accession             P0A0K6 
_struct_ref_seq.db_align_beg                  1 
_struct_ref_seq.pdbx_db_align_beg_ins_code    ? 
_struct_ref_seq.db_align_end                  104 
_struct_ref_seq.pdbx_db_align_end_ins_code    ? 
_struct_ref_seq.pdbx_auth_seq_align_beg       1 
_struct_ref_seq.pdbx_auth_seq_align_end       104 
# 
loop_
_struct_ref_seq_dif.align_id 
_struct_ref_seq_dif.pdbx_pdb_id_code 
_struct_ref_seq_dif.mon_id 
_struct_ref_seq_dif.pdbx_pdb_strand_id 
_struct_ref_seq_dif.seq_num 
_struct_ref_seq_dif.pdbx_pdb_ins_code 
_struct_ref_seq_dif.pdbx_seq_db_name 
_struct_ref_seq_dif.pdbx_seq_db_accession_code 
_struct_ref_seq_dif.db_mon_id 
_struct_ref_seq_dif.pdbx_seq_db_seq_num 
_struct_ref_seq_dif.details 
_struct_ref_seq_dif.pdbx_auth_seq_num 
_struct_ref_seq_dif.pdbx_ordinal 
1 2O85 GLY A 1  ? UNP P0A0K6 ?   ?  'cloning artifact'    -2 1 
1 2O85 SER A 2  ? UNP P0A0K6 ?   ?  'cloning artifact'    -1 2 
1 2O85 HIS A 3  ? UNP P0A0K6 ?   ?  'cloning artifact'    0  3 
1 2O85 THR A 34 ? UNP P0A0K6 PRO 31 'engineered mutation' 31 4 
# 
_pdbx_struct_assembly.id                   1 
_pdbx_struct_assembly.details              author_defined_assembly 
_pdbx_struct_assembly.method_details       ? 
_pdbx_struct_assembly.oligomeric_details   monomeric 
_pdbx_struct_assembly.oligomeric_count     1 
# 
_pdbx_struct_assembly_gen.assembly_id       1 
_pdbx_struct_assembly_gen.oper_expression   1 
_pdbx_struct_assembly_gen.asym_id_list      A,B 
# 
_pdbx_struct_oper_list.id                   1 
_pdbx_struct_oper_list.type                 'identity operation' 
_pdbx_struct_oper_list.name                 1_555 
_pdbx_struct_oper_list.symmetry_operation   x,y,z 
_pdbx_struct_oper_list.matrix[1][1]         1.0000000000 
_pdbx_struct_oper_list.matrix[1][2]         0.0000000000 
_pdbx_struct_oper_list.matrix[1][3]         0.0000000000 
_pdbx_struct_oper_list.vector[1]            0.0000000000 
_pdbx_struct_oper_list.matrix[2][1]         0.0000000000 
_pdbx_struct_oper_list.matrix[2][2]         1.0000000000 
_pdbx_struct_oper_list.matrix[2][3]         0.0000000000 
_pdbx_struct_oper_list.vector[2]            0.0000000000 
_pdbx_struct_oper_list.matrix[3][1]         0.0000000000 
_pdbx_struct_oper_list.matrix[3][2]         0.0000000000 
_pdbx_struct_oper_list.matrix[3][3]         1.0000000000 
_pdbx_struct_oper_list.vector[3]            0.0000000000 
# 
_struct_biol.id        1 
_struct_biol.details   ? 
# 
loop_
_struct_conf.conf_type_id 
_struct_conf.id 
_struct_conf.pdbx_PDB_helix_id 
_struct_conf.beg_label_comp_id 
_struct_conf.beg_label_asym_id 
_struct_conf.beg_label_seq_id 
_struct_conf.pdbx_beg_PDB_ins_code 
_struct_conf.end_label_comp_id 
_struct_conf.end_label_asym_id 
_struct_conf.end_label_seq_id 
_struct_conf.pdbx_end_PDB_ins_code 
_struct_conf.beg_auth_comp_id 
_struct_conf.beg_auth_asym_id 
_struct_conf.beg_auth_seq_id 
_struct_conf.end_auth_comp_id 
_struct_conf.end_auth_asym_id 
_struct_conf.end_auth_seq_id 
_struct_conf.pdbx_PDB_helix_class 
_struct_conf.details 
_struct_conf.pdbx_PDB_helix_length 
HELX_P HELX_P1 1 ASP A 13 ? VAL A 18  ? ASP A 10 VAL A 15  1 ? 6  
HELX_P HELX_P2 2 CYS A 32 ? TYR A 49  ? CYS A 29 TYR A 46  1 ? 18 
HELX_P HELX_P3 3 ASN A 63 ? TYR A 70  ? ASN A 60 TYR A 67  1 ? 8  
HELX_P HELX_P4 4 PRO A 95 ? LYS A 105 ? PRO A 92 LYS A 102 1 ? 11 
# 
_struct_conf_type.id          HELX_P 
_struct_conf_type.criteria    ? 
_struct_conf_type.reference   ? 
# 
_struct_conn.id                            disulf1 
_struct_conn.conn_type_id                  disulf 
_struct_conn.pdbx_leaving_atom_flag        ? 
_struct_conn.pdbx_PDB_id                   ? 
_struct_conn.ptnr1_label_asym_id           A 
_struct_conn.ptnr1_label_comp_id           CYS 
_struct_conn.ptnr1_label_seq_id            32 
_struct_conn.ptnr1_label_atom_id           SG 
_struct_conn.pdbx_ptnr1_label_alt_id       ? 
_struct_conn.pdbx_ptnr1_PDB_ins_code       ? 
_struct_conn.pdbx_ptnr1_standard_comp_id   ? 
_struct_conn.ptnr1_symmetry                1_555 
_struct_conn.ptnr2_label_asym_id           A 
_struct_conn.ptnr2_label_comp_id           CYS 
_struct_conn.ptnr2_label_seq_id            35 
_struct_conn.ptnr2_label_atom_id           SG 
_struct_conn.pdbx_ptnr2_label_alt_id       ? 
_struct_conn.pdbx_ptnr2_PDB_ins_code       ? 
_struct_conn.ptnr1_auth_asym_id            A 
_struct_conn.ptnr1_auth_comp_id            CYS 
_struct_conn.ptnr1_auth_seq_id             29 
_struct_conn.ptnr2_auth_asym_id            A 
_struct_conn.ptnr2_auth_comp_id            CYS 
_struct_conn.ptnr2_auth_seq_id             32 
_struct_conn.ptnr2_symmetry                1_555 
_struct_conn.pdbx_ptnr3_label_atom_id      ? 
_struct_conn.pdbx_ptnr3_label_seq_id       ? 
_struct_conn.pdbx_ptnr3_label_comp_id      ? 
_struct_conn.pdbx_ptnr3_label_asym_id      ? 
_struct_conn.pdbx_ptnr3_label_alt_id       ? 
_struct_conn.pdbx_ptnr3_PDB_ins_code       ? 
_struct_conn.details                       ? 
_struct_conn.pdbx_dist_value               2.034 
_struct_conn.pdbx_value_order              ? 
_struct_conn.pdbx_role                     ? 
# 
_struct_conn_type.id          disulf 
_struct_conn_type.criteria    ? 
_struct_conn_type.reference   ? 
# 
_pdbx_modification_feature.ordinal                            1 
_pdbx_modification_feature.label_comp_id                      CYS 
_pdbx_modification_feature.label_asym_id                      A 
_pdbx_modification_feature.label_seq_id                       32 
_pdbx_modification_feature.label_alt_id                       ? 
_pdbx_modification_feature.modified_residue_label_comp_id     CYS 
_pdbx_modification_feature.modified_residue_label_asym_id     A 
_pdbx_modification_feature.modified_residue_label_seq_id      35 
_pdbx_modification_feature.modified_residue_label_alt_id      ? 
_pdbx_modification_feature.auth_comp_id                       CYS 
_pdbx_modification_feature.auth_asym_id                       A 
_pdbx_modification_feature.auth_seq_id                        29 
_pdbx_modification_feature.PDB_ins_code                       ? 
_pdbx_modification_feature.symmetry                           1_555 
_pdbx_modification_feature.modified_residue_auth_comp_id      CYS 
_pdbx_modification_feature.modified_residue_auth_asym_id      A 
_pdbx_modification_feature.modified_residue_auth_seq_id       32 
_pdbx_modification_feature.modified_residue_PDB_ins_code      ? 
_pdbx_modification_feature.modified_residue_symmetry          1_555 
_pdbx_modification_feature.comp_id_linking_atom               SG 
_pdbx_modification_feature.modified_residue_id_linking_atom   SG 
_pdbx_modification_feature.modified_residue_id                . 
_pdbx_modification_feature.ref_pcm_id                         . 
_pdbx_modification_feature.ref_comp_id                        . 
_pdbx_modification_feature.type                               None 
_pdbx_modification_feature.category                           'Disulfide bridge' 
# 
_struct_mon_prot_cis.pdbx_id                1 
_struct_mon_prot_cis.label_comp_id          ILE 
_struct_mon_prot_cis.label_seq_id           75 
_struct_mon_prot_cis.label_asym_id          A 
_struct_mon_prot_cis.label_alt_id           . 
_struct_mon_prot_cis.pdbx_PDB_ins_code      ? 
_struct_mon_prot_cis.auth_comp_id           ILE 
_struct_mon_prot_cis.auth_seq_id            72 
_struct_mon_prot_cis.auth_asym_id           A 
_struct_mon_prot_cis.pdbx_label_comp_id_2   PRO 
_struct_mon_prot_cis.pdbx_label_seq_id_2    76 
_struct_mon_prot_cis.pdbx_label_asym_id_2   A 
_struct_mon_prot_cis.pdbx_PDB_ins_code_2    ? 
_struct_mon_prot_cis.pdbx_auth_comp_id_2    PRO 
_struct_mon_prot_cis.pdbx_auth_seq_id_2     73 
_struct_mon_prot_cis.pdbx_auth_asym_id_2    A 
_struct_mon_prot_cis.pdbx_PDB_model_num     1 
_struct_mon_prot_cis.pdbx_omega_angle       0.08 
# 
_struct_sheet.id               A 
_struct_sheet.type             ? 
_struct_sheet.number_strands   5 
_struct_sheet.details          ? 
# 
loop_
_struct_sheet_order.sheet_id 
_struct_sheet_order.range_id_1 
_struct_sheet_order.range_id_2 
_struct_sheet_order.offset 
_struct_sheet_order.sense 
A 1 2 ? parallel      
A 2 3 ? parallel      
A 3 4 ? anti-parallel 
A 4 5 ? anti-parallel 
# 
loop_
_struct_sheet_range.sheet_id 
_struct_sheet_range.id 
_struct_sheet_range.beg_label_comp_id 
_struct_sheet_range.beg_label_asym_id 
_struct_sheet_range.beg_label_seq_id 
_struct_sheet_range.pdbx_beg_PDB_ins_code 
_struct_sheet_range.end_label_comp_id 
_struct_sheet_range.end_label_asym_id 
_struct_sheet_range.end_label_seq_id 
_struct_sheet_range.pdbx_end_PDB_ins_code 
_struct_sheet_range.beg_auth_comp_id 
_struct_sheet_range.beg_auth_asym_id 
_struct_sheet_range.beg_auth_seq_id 
_struct_sheet_range.end_auth_comp_id 
_struct_sheet_range.end_auth_asym_id 
_struct_sheet_range.end_auth_seq_id 
A 1 VAL A 7  ? LYS A 8  ? VAL A 4  LYS A 5  
A 2 ASP A 54 ? ASP A 59 ? ASP A 51 ASP A 56 
A 3 VAL A 22 ? TRP A 28 ? VAL A 19 TRP A 25 
A 4 THR A 77 ? LYS A 82 ? THR A 74 LYS A 79 
A 5 GLN A 85 ? VAL A 91 ? GLN A 82 VAL A 88 
# 
loop_
_pdbx_struct_sheet_hbond.sheet_id 
_pdbx_struct_sheet_hbond.range_id_1 
_pdbx_struct_sheet_hbond.range_id_2 
_pdbx_struct_sheet_hbond.range_1_label_atom_id 
_pdbx_struct_sheet_hbond.range_1_label_comp_id 
_pdbx_struct_sheet_hbond.range_1_label_asym_id 
_pdbx_struct_sheet_hbond.range_1_label_seq_id 
_pdbx_struct_sheet_hbond.range_1_PDB_ins_code 
_pdbx_struct_sheet_hbond.range_1_auth_atom_id 
_pdbx_struct_sheet_hbond.range_1_auth_comp_id 
_pdbx_struct_sheet_hbond.range_1_auth_asym_id 
_pdbx_struct_sheet_hbond.range_1_auth_seq_id 
_pdbx_struct_sheet_hbond.range_2_label_atom_id 
_pdbx_struct_sheet_hbond.range_2_label_comp_id 
_pdbx_struct_sheet_hbond.range_2_label_asym_id 
_pdbx_struct_sheet_hbond.range_2_label_seq_id 
_pdbx_struct_sheet_hbond.range_2_PDB_ins_code 
_pdbx_struct_sheet_hbond.range_2_auth_atom_id 
_pdbx_struct_sheet_hbond.range_2_auth_comp_id 
_pdbx_struct_sheet_hbond.range_2_auth_asym_id 
_pdbx_struct_sheet_hbond.range_2_auth_seq_id 
A 1 2 N VAL A 7  ? N VAL A 4  O LYS A 57 ? O LYS A 54 
A 2 3 O LEU A 56 ? O LEU A 53 N ASP A 26 ? N ASP A 23 
A 3 4 N GLN A 23 ? N GLN A 20 O PHE A 81 ? O PHE A 78 
A 4 5 N LEU A 78 ? N LEU A 75 O VAL A 90 ? O VAL A 87 
# 
_pdbx_entry_details.entry_id                   2O85 
_pdbx_entry_details.compound_details           ? 
_pdbx_entry_details.source_details             ? 
_pdbx_entry_details.nonpolymer_details         ? 
_pdbx_entry_details.sequence_details           ? 
_pdbx_entry_details.has_ligand_of_interest     ? 
_pdbx_entry_details.has_protein_modification   Y 
# 
_pdbx_validate_torsion.id              1 
_pdbx_validate_torsion.PDB_model_num   1 
_pdbx_validate_torsion.auth_comp_id    GLU 
_pdbx_validate_torsion.auth_asym_id    A 
_pdbx_validate_torsion.auth_seq_id     16 
_pdbx_validate_torsion.PDB_ins_code    ? 
_pdbx_validate_torsion.label_alt_id    ? 
_pdbx_validate_torsion.phi             -148.24 
_pdbx_validate_torsion.psi             -29.95 
# 
loop_
_pdbx_unobs_or_zero_occ_residues.id 
_pdbx_unobs_or_zero_occ_residues.PDB_model_num 
_pdbx_unobs_or_zero_occ_residues.polymer_flag 
_pdbx_unobs_or_zero_occ_residues.occupancy_flag 
_pdbx_unobs_or_zero_occ_residues.auth_asym_id 
_pdbx_unobs_or_zero_occ_residues.auth_comp_id 
_pdbx_unobs_or_zero_occ_residues.auth_seq_id 
_pdbx_unobs_or_zero_occ_residues.PDB_ins_code 
_pdbx_unobs_or_zero_occ_residues.label_asym_id 
_pdbx_unobs_or_zero_occ_residues.label_comp_id 
_pdbx_unobs_or_zero_occ_residues.label_seq_id 
1 1 Y 1 A GLY -2 ? A GLY 1 
2 1 Y 1 A SER -1 ? A SER 2 
3 1 Y 1 A HIS 0  ? A HIS 3 
4 1 Y 1 A MET 1  ? A MET 4 
# 
loop_
_chem_comp_atom.comp_id 
_chem_comp_atom.atom_id 
_chem_comp_atom.type_symbol 
_chem_comp_atom.pdbx_aromatic_flag 
_chem_comp_atom.pdbx_stereo_config 
_chem_comp_atom.pdbx_ordinal 
ALA N    N N N 1   
ALA CA   C N S 2   
ALA C    C N N 3   
ALA O    O N N 4   
ALA CB   C N N 5   
ALA OXT  O N N 6   
ALA H    H N N 7   
ALA H2   H N N 8   
ALA HA   H N N 9   
ALA HB1  H N N 10  
ALA HB2  H N N 11  
ALA HB3  H N N 12  
ALA HXT  H N N 13  
ASN N    N N N 14  
ASN CA   C N S 15  
ASN C    C N N 16  
ASN O    O N N 17  
ASN CB   C N N 18  
ASN CG   C N N 19  
ASN OD1  O N N 20  
ASN ND2  N N N 21  
ASN OXT  O N N 22  
ASN H    H N N 23  
ASN H2   H N N 24  
ASN HA   H N N 25  
ASN HB2  H N N 26  
ASN HB3  H N N 27  
ASN HD21 H N N 28  
ASN HD22 H N N 29  
ASN HXT  H N N 30  
ASP N    N N N 31  
ASP CA   C N S 32  
ASP C    C N N 33  
ASP O    O N N 34  
ASP CB   C N N 35  
ASP CG   C N N 36  
ASP OD1  O N N 37  
ASP OD2  O N N 38  
ASP OXT  O N N 39  
ASP H    H N N 40  
ASP H2   H N N 41  
ASP HA   H N N 42  
ASP HB2  H N N 43  
ASP HB3  H N N 44  
ASP HD2  H N N 45  
ASP HXT  H N N 46  
CYS N    N N N 47  
CYS CA   C N R 48  
CYS C    C N N 49  
CYS O    O N N 50  
CYS CB   C N N 51  
CYS SG   S N N 52  
CYS OXT  O N N 53  
CYS H    H N N 54  
CYS H2   H N N 55  
CYS HA   H N N 56  
CYS HB2  H N N 57  
CYS HB3  H N N 58  
CYS HG   H N N 59  
CYS HXT  H N N 60  
GLN N    N N N 61  
GLN CA   C N S 62  
GLN C    C N N 63  
GLN O    O N N 64  
GLN CB   C N N 65  
GLN CG   C N N 66  
GLN CD   C N N 67  
GLN OE1  O N N 68  
GLN NE2  N N N 69  
GLN OXT  O N N 70  
GLN H    H N N 71  
GLN H2   H N N 72  
GLN HA   H N N 73  
GLN HB2  H N N 74  
GLN HB3  H N N 75  
GLN HG2  H N N 76  
GLN HG3  H N N 77  
GLN HE21 H N N 78  
GLN HE22 H N N 79  
GLN HXT  H N N 80  
GLU N    N N N 81  
GLU CA   C N S 82  
GLU C    C N N 83  
GLU O    O N N 84  
GLU CB   C N N 85  
GLU CG   C N N 86  
GLU CD   C N N 87  
GLU OE1  O N N 88  
GLU OE2  O N N 89  
GLU OXT  O N N 90  
GLU H    H N N 91  
GLU H2   H N N 92  
GLU HA   H N N 93  
GLU HB2  H N N 94  
GLU HB3  H N N 95  
GLU HG2  H N N 96  
GLU HG3  H N N 97  
GLU HE2  H N N 98  
GLU HXT  H N N 99  
GLY N    N N N 100 
GLY CA   C N N 101 
GLY C    C N N 102 
GLY O    O N N 103 
GLY OXT  O N N 104 
GLY H    H N N 105 
GLY H2   H N N 106 
GLY HA2  H N N 107 
GLY HA3  H N N 108 
GLY HXT  H N N 109 
HIS N    N N N 110 
HIS CA   C N S 111 
HIS C    C N N 112 
HIS O    O N N 113 
HIS CB   C N N 114 
HIS CG   C Y N 115 
HIS ND1  N Y N 116 
HIS CD2  C Y N 117 
HIS CE1  C Y N 118 
HIS NE2  N Y N 119 
HIS OXT  O N N 120 
HIS H    H N N 121 
HIS H2   H N N 122 
HIS HA   H N N 123 
HIS HB2  H N N 124 
HIS HB3  H N N 125 
HIS HD1  H N N 126 
HIS HD2  H N N 127 
HIS HE1  H N N 128 
HIS HE2  H N N 129 
HIS HXT  H N N 130 
HOH O    O N N 131 
HOH H1   H N N 132 
HOH H2   H N N 133 
ILE N    N N N 134 
ILE CA   C N S 135 
ILE C    C N N 136 
ILE O    O N N 137 
ILE CB   C N S 138 
ILE CG1  C N N 139 
ILE CG2  C N N 140 
ILE CD1  C N N 141 
ILE OXT  O N N 142 
ILE H    H N N 143 
ILE H2   H N N 144 
ILE HA   H N N 145 
ILE HB   H N N 146 
ILE HG12 H N N 147 
ILE HG13 H N N 148 
ILE HG21 H N N 149 
ILE HG22 H N N 150 
ILE HG23 H N N 151 
ILE HD11 H N N 152 
ILE HD12 H N N 153 
ILE HD13 H N N 154 
ILE HXT  H N N 155 
LEU N    N N N 156 
LEU CA   C N S 157 
LEU C    C N N 158 
LEU O    O N N 159 
LEU CB   C N N 160 
LEU CG   C N N 161 
LEU CD1  C N N 162 
LEU CD2  C N N 163 
LEU OXT  O N N 164 
LEU H    H N N 165 
LEU H2   H N N 166 
LEU HA   H N N 167 
LEU HB2  H N N 168 
LEU HB3  H N N 169 
LEU HG   H N N 170 
LEU HD11 H N N 171 
LEU HD12 H N N 172 
LEU HD13 H N N 173 
LEU HD21 H N N 174 
LEU HD22 H N N 175 
LEU HD23 H N N 176 
LEU HXT  H N N 177 
LYS N    N N N 178 
LYS CA   C N S 179 
LYS C    C N N 180 
LYS O    O N N 181 
LYS CB   C N N 182 
LYS CG   C N N 183 
LYS CD   C N N 184 
LYS CE   C N N 185 
LYS NZ   N N N 186 
LYS OXT  O N N 187 
LYS H    H N N 188 
LYS H2   H N N 189 
LYS HA   H N N 190 
LYS HB2  H N N 191 
LYS HB3  H N N 192 
LYS HG2  H N N 193 
LYS HG3  H N N 194 
LYS HD2  H N N 195 
LYS HD3  H N N 196 
LYS HE2  H N N 197 
LYS HE3  H N N 198 
LYS HZ1  H N N 199 
LYS HZ2  H N N 200 
LYS HZ3  H N N 201 
LYS HXT  H N N 202 
MET N    N N N 203 
MET CA   C N S 204 
MET C    C N N 205 
MET O    O N N 206 
MET CB   C N N 207 
MET CG   C N N 208 
MET SD   S N N 209 
MET CE   C N N 210 
MET OXT  O N N 211 
MET H    H N N 212 
MET H2   H N N 213 
MET HA   H N N 214 
MET HB2  H N N 215 
MET HB3  H N N 216 
MET HG2  H N N 217 
MET HG3  H N N 218 
MET HE1  H N N 219 
MET HE2  H N N 220 
MET HE3  H N N 221 
MET HXT  H N N 222 
PHE N    N N N 223 
PHE CA   C N S 224 
PHE C    C N N 225 
PHE O    O N N 226 
PHE CB   C N N 227 
PHE CG   C Y N 228 
PHE CD1  C Y N 229 
PHE CD2  C Y N 230 
PHE CE1  C Y N 231 
PHE CE2  C Y N 232 
PHE CZ   C Y N 233 
PHE OXT  O N N 234 
PHE H    H N N 235 
PHE H2   H N N 236 
PHE HA   H N N 237 
PHE HB2  H N N 238 
PHE HB3  H N N 239 
PHE HD1  H N N 240 
PHE HD2  H N N 241 
PHE HE1  H N N 242 
PHE HE2  H N N 243 
PHE HZ   H N N 244 
PHE HXT  H N N 245 
PRO N    N N N 246 
PRO CA   C N S 247 
PRO C    C N N 248 
PRO O    O N N 249 
PRO CB   C N N 250 
PRO CG   C N N 251 
PRO CD   C N N 252 
PRO OXT  O N N 253 
PRO H    H N N 254 
PRO HA   H N N 255 
PRO HB2  H N N 256 
PRO HB3  H N N 257 
PRO HG2  H N N 258 
PRO HG3  H N N 259 
PRO HD2  H N N 260 
PRO HD3  H N N 261 
PRO HXT  H N N 262 
SER N    N N N 263 
SER CA   C N S 264 
SER C    C N N 265 
SER O    O N N 266 
SER CB   C N N 267 
SER OG   O N N 268 
SER OXT  O N N 269 
SER H    H N N 270 
SER H2   H N N 271 
SER HA   H N N 272 
SER HB2  H N N 273 
SER HB3  H N N 274 
SER HG   H N N 275 
SER HXT  H N N 276 
THR N    N N N 277 
THR CA   C N S 278 
THR C    C N N 279 
THR O    O N N 280 
THR CB   C N R 281 
THR OG1  O N N 282 
THR CG2  C N N 283 
THR OXT  O N N 284 
THR H    H N N 285 
THR H2   H N N 286 
THR HA   H N N 287 
THR HB   H N N 288 
THR HG1  H N N 289 
THR HG21 H N N 290 
THR HG22 H N N 291 
THR HG23 H N N 292 
THR HXT  H N N 293 
TRP N    N N N 294 
TRP CA   C N S 295 
TRP C    C N N 296 
TRP O    O N N 297 
TRP CB   C N N 298 
TRP CG   C Y N 299 
TRP CD1  C Y N 300 
TRP CD2  C Y N 301 
TRP NE1  N Y N 302 
TRP CE2  C Y N 303 
TRP CE3  C Y N 304 
TRP CZ2  C Y N 305 
TRP CZ3  C Y N 306 
TRP CH2  C Y N 307 
TRP OXT  O N N 308 
TRP H    H N N 309 
TRP H2   H N N 310 
TRP HA   H N N 311 
TRP HB2  H N N 312 
TRP HB3  H N N 313 
TRP HD1  H N N 314 
TRP HE1  H N N 315 
TRP HE3  H N N 316 
TRP HZ2  H N N 317 
TRP HZ3  H N N 318 
TRP HH2  H N N 319 
TRP HXT  H N N 320 
TYR N    N N N 321 
TYR CA   C N S 322 
TYR C    C N N 323 
TYR O    O N N 324 
TYR CB   C N N 325 
TYR CG   C Y N 326 
TYR CD1  C Y N 327 
TYR CD2  C Y N 328 
TYR CE1  C Y N 329 
TYR CE2  C Y N 330 
TYR CZ   C Y N 331 
TYR OH   O N N 332 
TYR OXT  O N N 333 
TYR H    H N N 334 
TYR H2   H N N 335 
TYR HA   H N N 336 
TYR HB2  H N N 337 
TYR HB3  H N N 338 
TYR HD1  H N N 339 
TYR HD2  H N N 340 
TYR HE1  H N N 341 
TYR HE2  H N N 342 
TYR HH   H N N 343 
TYR HXT  H N N 344 
VAL N    N N N 345 
VAL CA   C N S 346 
VAL C    C N N 347 
VAL O    O N N 348 
VAL CB   C N N 349 
VAL CG1  C N N 350 
VAL CG2  C N N 351 
VAL OXT  O N N 352 
VAL H    H N N 353 
VAL H2   H N N 354 
VAL HA   H N N 355 
VAL HB   H N N 356 
VAL HG11 H N N 357 
VAL HG12 H N N 358 
VAL HG13 H N N 359 
VAL HG21 H N N 360 
VAL HG22 H N N 361 
VAL HG23 H N N 362 
VAL HXT  H N N 363 
# 
loop_
_chem_comp_bond.comp_id 
_chem_comp_bond.atom_id_1 
_chem_comp_bond.atom_id_2 
_chem_comp_bond.value_order 
_chem_comp_bond.pdbx_aromatic_flag 
_chem_comp_bond.pdbx_stereo_config 
_chem_comp_bond.pdbx_ordinal 
ALA N   CA   sing N N 1   
ALA N   H    sing N N 2   
ALA N   H2   sing N N 3   
ALA CA  C    sing N N 4   
ALA CA  CB   sing N N 5   
ALA CA  HA   sing N N 6   
ALA C   O    doub N N 7   
ALA C   OXT  sing N N 8   
ALA CB  HB1  sing N N 9   
ALA CB  HB2  sing N N 10  
ALA CB  HB3  sing N N 11  
ALA OXT HXT  sing N N 12  
ASN N   CA   sing N N 13  
ASN N   H    sing N N 14  
ASN N   H2   sing N N 15  
ASN CA  C    sing N N 16  
ASN CA  CB   sing N N 17  
ASN CA  HA   sing N N 18  
ASN C   O    doub N N 19  
ASN C   OXT  sing N N 20  
ASN CB  CG   sing N N 21  
ASN CB  HB2  sing N N 22  
ASN CB  HB3  sing N N 23  
ASN CG  OD1  doub N N 24  
ASN CG  ND2  sing N N 25  
ASN ND2 HD21 sing N N 26  
ASN ND2 HD22 sing N N 27  
ASN OXT HXT  sing N N 28  
ASP N   CA   sing N N 29  
ASP N   H    sing N N 30  
ASP N   H2   sing N N 31  
ASP CA  C    sing N N 32  
ASP CA  CB   sing N N 33  
ASP CA  HA   sing N N 34  
ASP C   O    doub N N 35  
ASP C   OXT  sing N N 36  
ASP CB  CG   sing N N 37  
ASP CB  HB2  sing N N 38  
ASP CB  HB3  sing N N 39  
ASP CG  OD1  doub N N 40  
ASP CG  OD2  sing N N 41  
ASP OD2 HD2  sing N N 42  
ASP OXT HXT  sing N N 43  
CYS N   CA   sing N N 44  
CYS N   H    sing N N 45  
CYS N   H2   sing N N 46  
CYS CA  C    sing N N 47  
CYS CA  CB   sing N N 48  
CYS CA  HA   sing N N 49  
CYS C   O    doub N N 50  
CYS C   OXT  sing N N 51  
CYS CB  SG   sing N N 52  
CYS CB  HB2  sing N N 53  
CYS CB  HB3  sing N N 54  
CYS SG  HG   sing N N 55  
CYS OXT HXT  sing N N 56  
GLN N   CA   sing N N 57  
GLN N   H    sing N N 58  
GLN N   H2   sing N N 59  
GLN CA  C    sing N N 60  
GLN CA  CB   sing N N 61  
GLN CA  HA   sing N N 62  
GLN C   O    doub N N 63  
GLN C   OXT  sing N N 64  
GLN CB  CG   sing N N 65  
GLN CB  HB2  sing N N 66  
GLN CB  HB3  sing N N 67  
GLN CG  CD   sing N N 68  
GLN CG  HG2  sing N N 69  
GLN CG  HG3  sing N N 70  
GLN CD  OE1  doub N N 71  
GLN CD  NE2  sing N N 72  
GLN NE2 HE21 sing N N 73  
GLN NE2 HE22 sing N N 74  
GLN OXT HXT  sing N N 75  
GLU N   CA   sing N N 76  
GLU N   H    sing N N 77  
GLU N   H2   sing N N 78  
GLU CA  C    sing N N 79  
GLU CA  CB   sing N N 80  
GLU CA  HA   sing N N 81  
GLU C   O    doub N N 82  
GLU C   OXT  sing N N 83  
GLU CB  CG   sing N N 84  
GLU CB  HB2  sing N N 85  
GLU CB  HB3  sing N N 86  
GLU CG  CD   sing N N 87  
GLU CG  HG2  sing N N 88  
GLU CG  HG3  sing N N 89  
GLU CD  OE1  doub N N 90  
GLU CD  OE2  sing N N 91  
GLU OE2 HE2  sing N N 92  
GLU OXT HXT  sing N N 93  
GLY N   CA   sing N N 94  
GLY N   H    sing N N 95  
GLY N   H2   sing N N 96  
GLY CA  C    sing N N 97  
GLY CA  HA2  sing N N 98  
GLY CA  HA3  sing N N 99  
GLY C   O    doub N N 100 
GLY C   OXT  sing N N 101 
GLY OXT HXT  sing N N 102 
HIS N   CA   sing N N 103 
HIS N   H    sing N N 104 
HIS N   H2   sing N N 105 
HIS CA  C    sing N N 106 
HIS CA  CB   sing N N 107 
HIS CA  HA   sing N N 108 
HIS C   O    doub N N 109 
HIS C   OXT  sing N N 110 
HIS CB  CG   sing N N 111 
HIS CB  HB2  sing N N 112 
HIS CB  HB3  sing N N 113 
HIS CG  ND1  sing Y N 114 
HIS CG  CD2  doub Y N 115 
HIS ND1 CE1  doub Y N 116 
HIS ND1 HD1  sing N N 117 
HIS CD2 NE2  sing Y N 118 
HIS CD2 HD2  sing N N 119 
HIS CE1 NE2  sing Y N 120 
HIS CE1 HE1  sing N N 121 
HIS NE2 HE2  sing N N 122 
HIS OXT HXT  sing N N 123 
HOH O   H1   sing N N 124 
HOH O   H2   sing N N 125 
ILE N   CA   sing N N 126 
ILE N   H    sing N N 127 
ILE N   H2   sing N N 128 
ILE CA  C    sing N N 129 
ILE CA  CB   sing N N 130 
ILE CA  HA   sing N N 131 
ILE C   O    doub N N 132 
ILE C   OXT  sing N N 133 
ILE CB  CG1  sing N N 134 
ILE CB  CG2  sing N N 135 
ILE CB  HB   sing N N 136 
ILE CG1 CD1  sing N N 137 
ILE CG1 HG12 sing N N 138 
ILE CG1 HG13 sing N N 139 
ILE CG2 HG21 sing N N 140 
ILE CG2 HG22 sing N N 141 
ILE CG2 HG23 sing N N 142 
ILE CD1 HD11 sing N N 143 
ILE CD1 HD12 sing N N 144 
ILE CD1 HD13 sing N N 145 
ILE OXT HXT  sing N N 146 
LEU N   CA   sing N N 147 
LEU N   H    sing N N 148 
LEU N   H2   sing N N 149 
LEU CA  C    sing N N 150 
LEU CA  CB   sing N N 151 
LEU CA  HA   sing N N 152 
LEU C   O    doub N N 153 
LEU C   OXT  sing N N 154 
LEU CB  CG   sing N N 155 
LEU CB  HB2  sing N N 156 
LEU CB  HB3  sing N N 157 
LEU CG  CD1  sing N N 158 
LEU CG  CD2  sing N N 159 
LEU CG  HG   sing N N 160 
LEU CD1 HD11 sing N N 161 
LEU CD1 HD12 sing N N 162 
LEU CD1 HD13 sing N N 163 
LEU CD2 HD21 sing N N 164 
LEU CD2 HD22 sing N N 165 
LEU CD2 HD23 sing N N 166 
LEU OXT HXT  sing N N 167 
LYS N   CA   sing N N 168 
LYS N   H    sing N N 169 
LYS N   H2   sing N N 170 
LYS CA  C    sing N N 171 
LYS CA  CB   sing N N 172 
LYS CA  HA   sing N N 173 
LYS C   O    doub N N 174 
LYS C   OXT  sing N N 175 
LYS CB  CG   sing N N 176 
LYS CB  HB2  sing N N 177 
LYS CB  HB3  sing N N 178 
LYS CG  CD   sing N N 179 
LYS CG  HG2  sing N N 180 
LYS CG  HG3  sing N N 181 
LYS CD  CE   sing N N 182 
LYS CD  HD2  sing N N 183 
LYS CD  HD3  sing N N 184 
LYS CE  NZ   sing N N 185 
LYS CE  HE2  sing N N 186 
LYS CE  HE3  sing N N 187 
LYS NZ  HZ1  sing N N 188 
LYS NZ  HZ2  sing N N 189 
LYS NZ  HZ3  sing N N 190 
LYS OXT HXT  sing N N 191 
MET N   CA   sing N N 192 
MET N   H    sing N N 193 
MET N   H2   sing N N 194 
MET CA  C    sing N N 195 
MET CA  CB   sing N N 196 
MET CA  HA   sing N N 197 
MET C   O    doub N N 198 
MET C   OXT  sing N N 199 
MET CB  CG   sing N N 200 
MET CB  HB2  sing N N 201 
MET CB  HB3  sing N N 202 
MET CG  SD   sing N N 203 
MET CG  HG2  sing N N 204 
MET CG  HG3  sing N N 205 
MET SD  CE   sing N N 206 
MET CE  HE1  sing N N 207 
MET CE  HE2  sing N N 208 
MET CE  HE3  sing N N 209 
MET OXT HXT  sing N N 210 
PHE N   CA   sing N N 211 
PHE N   H    sing N N 212 
PHE N   H2   sing N N 213 
PHE CA  C    sing N N 214 
PHE CA  CB   sing N N 215 
PHE CA  HA   sing N N 216 
PHE C   O    doub N N 217 
PHE C   OXT  sing N N 218 
PHE CB  CG   sing N N 219 
PHE CB  HB2  sing N N 220 
PHE CB  HB3  sing N N 221 
PHE CG  CD1  doub Y N 222 
PHE CG  CD2  sing Y N 223 
PHE CD1 CE1  sing Y N 224 
PHE CD1 HD1  sing N N 225 
PHE CD2 CE2  doub Y N 226 
PHE CD2 HD2  sing N N 227 
PHE CE1 CZ   doub Y N 228 
PHE CE1 HE1  sing N N 229 
PHE CE2 CZ   sing Y N 230 
PHE CE2 HE2  sing N N 231 
PHE CZ  HZ   sing N N 232 
PHE OXT HXT  sing N N 233 
PRO N   CA   sing N N 234 
PRO N   CD   sing N N 235 
PRO N   H    sing N N 236 
PRO CA  C    sing N N 237 
PRO CA  CB   sing N N 238 
PRO CA  HA   sing N N 239 
PRO C   O    doub N N 240 
PRO C   OXT  sing N N 241 
PRO CB  CG   sing N N 242 
PRO CB  HB2  sing N N 243 
PRO CB  HB3  sing N N 244 
PRO CG  CD   sing N N 245 
PRO CG  HG2  sing N N 246 
PRO CG  HG3  sing N N 247 
PRO CD  HD2  sing N N 248 
PRO CD  HD3  sing N N 249 
PRO OXT HXT  sing N N 250 
SER N   CA   sing N N 251 
SER N   H    sing N N 252 
SER N   H2   sing N N 253 
SER CA  C    sing N N 254 
SER CA  CB   sing N N 255 
SER CA  HA   sing N N 256 
SER C   O    doub N N 257 
SER C   OXT  sing N N 258 
SER CB  OG   sing N N 259 
SER CB  HB2  sing N N 260 
SER CB  HB3  sing N N 261 
SER OG  HG   sing N N 262 
SER OXT HXT  sing N N 263 
THR N   CA   sing N N 264 
THR N   H    sing N N 265 
THR N   H2   sing N N 266 
THR CA  C    sing N N 267 
THR CA  CB   sing N N 268 
THR CA  HA   sing N N 269 
THR C   O    doub N N 270 
THR C   OXT  sing N N 271 
THR CB  OG1  sing N N 272 
THR CB  CG2  sing N N 273 
THR CB  HB   sing N N 274 
THR OG1 HG1  sing N N 275 
THR CG2 HG21 sing N N 276 
THR CG2 HG22 sing N N 277 
THR CG2 HG23 sing N N 278 
THR OXT HXT  sing N N 279 
TRP N   CA   sing N N 280 
TRP N   H    sing N N 281 
TRP N   H2   sing N N 282 
TRP CA  C    sing N N 283 
TRP CA  CB   sing N N 284 
TRP CA  HA   sing N N 285 
TRP C   O    doub N N 286 
TRP C   OXT  sing N N 287 
TRP CB  CG   sing N N 288 
TRP CB  HB2  sing N N 289 
TRP CB  HB3  sing N N 290 
TRP CG  CD1  doub Y N 291 
TRP CG  CD2  sing Y N 292 
TRP CD1 NE1  sing Y N 293 
TRP CD1 HD1  sing N N 294 
TRP CD2 CE2  doub Y N 295 
TRP CD2 CE3  sing Y N 296 
TRP NE1 CE2  sing Y N 297 
TRP NE1 HE1  sing N N 298 
TRP CE2 CZ2  sing Y N 299 
TRP CE3 CZ3  doub Y N 300 
TRP CE3 HE3  sing N N 301 
TRP CZ2 CH2  doub Y N 302 
TRP CZ2 HZ2  sing N N 303 
TRP CZ3 CH2  sing Y N 304 
TRP CZ3 HZ3  sing N N 305 
TRP CH2 HH2  sing N N 306 
TRP OXT HXT  sing N N 307 
TYR N   CA   sing N N 308 
TYR N   H    sing N N 309 
TYR N   H2   sing N N 310 
TYR CA  C    sing N N 311 
TYR CA  CB   sing N N 312 
TYR CA  HA   sing N N 313 
TYR C   O    doub N N 314 
TYR C   OXT  sing N N 315 
TYR CB  CG   sing N N 316 
TYR CB  HB2  sing N N 317 
TYR CB  HB3  sing N N 318 
TYR CG  CD1  doub Y N 319 
TYR CG  CD2  sing Y N 320 
TYR CD1 CE1  sing Y N 321 
TYR CD1 HD1  sing N N 322 
TYR CD2 CE2  doub Y N 323 
TYR CD2 HD2  sing N N 324 
TYR CE1 CZ   doub Y N 325 
TYR CE1 HE1  sing N N 326 
TYR CE2 CZ   sing Y N 327 
TYR CE2 HE2  sing N N 328 
TYR CZ  OH   sing N N 329 
TYR OH  HH   sing N N 330 
TYR OXT HXT  sing N N 331 
VAL N   CA   sing N N 332 
VAL N   H    sing N N 333 
VAL N   H2   sing N N 334 
VAL CA  C    sing N N 335 
VAL CA  CB   sing N N 336 
VAL CA  HA   sing N N 337 
VAL C   O    doub N N 338 
VAL C   OXT  sing N N 339 
VAL CB  CG1  sing N N 340 
VAL CB  CG2  sing N N 341 
VAL CB  HB   sing N N 342 
VAL CG1 HG11 sing N N 343 
VAL CG1 HG12 sing N N 344 
VAL CG1 HG13 sing N N 345 
VAL CG2 HG21 sing N N 346 
VAL CG2 HG22 sing N N 347 
VAL CG2 HG23 sing N N 348 
VAL OXT HXT  sing N N 349 
# 
_pdbx_initial_refinement_model.id               1 
_pdbx_initial_refinement_model.entity_id_list   ? 
_pdbx_initial_refinement_model.type             'experimental model' 
_pdbx_initial_refinement_model.source_name      PDB 
_pdbx_initial_refinement_model.accession_code   2O7K 
_pdbx_initial_refinement_model.details          ? 
# 
_atom_sites.entry_id                    2O85 
_atom_sites.fract_transf_matrix[1][1]   -0.01686986 
_atom_sites.fract_transf_matrix[1][2]   0.00529537 
_atom_sites.fract_transf_matrix[1][3]   0.01618566 
_atom_sites.fract_transf_matrix[2][1]   -0.00769479 
_atom_sites.fract_transf_matrix[2][2]   0.01386009 
_atom_sites.fract_transf_matrix[2][3]   -0.01255459 
_atom_sites.fract_transf_matrix[3][1]   -0.01101370 
_atom_sites.fract_transf_matrix[3][2]   -0.01273775 
_atom_sites.fract_transf_matrix[3][3]   -0.00731193 
_atom_sites.fract_transf_vector[1]      0.333400 
_atom_sites.fract_transf_vector[2]      0.242812 
_atom_sites.fract_transf_vector[3]      0.215123 
# 
loop_
_atom_type.symbol 
C 
N 
O 
S 
# 
loop_
_atom_site.group_PDB 
_atom_site.id 
_atom_site.type_symbol 
_atom_site.label_atom_id 
_atom_site.label_alt_id 
_atom_site.label_comp_id 
_atom_site.label_asym_id 
_atom_site.label_entity_id 
_atom_site.label_seq_id 
_atom_site.pdbx_PDB_ins_code 
_atom_site.Cartn_x 
_atom_site.Cartn_y 
_atom_site.Cartn_z 
_atom_site.occupancy 
_atom_site.B_iso_or_equiv 
_atom_site.pdbx_formal_charge 
_atom_site.auth_seq_id 
_atom_site.auth_comp_id 
_atom_site.auth_asym_id 
_atom_site.auth_atom_id 
_atom_site.pdbx_PDB_model_num 
ATOM   1   N N   . ALA A 1 5   ? 12.161  -6.120  -2.991  1.00 60.73 ? 2   ALA A N   1 
ATOM   2   C CA  . ALA A 1 5   ? 10.775  -6.576  -2.979  1.00 61.11 ? 2   ALA A CA  1 
ATOM   3   C C   . ALA A 1 5   ? 9.803   -5.397  -2.881  1.00 61.11 ? 2   ALA A C   1 
ATOM   4   O O   . ALA A 1 5   ? 9.164   -5.012  -3.867  1.00 58.33 ? 2   ALA A O   1 
ATOM   5   C CB  . ALA A 1 5   ? 10.554  -7.538  -1.808  1.00 61.33 ? 2   ALA A CB  1 
ATOM   6   N N   . ILE A 1 6   ? 9.703   -4.828  -1.683  1.00 58.33 ? 3   ILE A N   1 
ATOM   7   C CA  . ILE A 1 6   ? 8.813   -3.701  -1.438  1.00 52.22 ? 3   ILE A CA  1 
ATOM   8   C C   . ILE A 1 6   ? 9.575   -2.383  -1.491  1.00 51.25 ? 3   ILE A C   1 
ATOM   9   O O   . ILE A 1 6   ? 10.502  -2.163  -0.712  1.00 56.36 ? 3   ILE A O   1 
ATOM   10  C CB  . ILE A 1 6   ? 8.137   -3.841  -0.061  1.00 51.49 ? 3   ILE A CB  1 
ATOM   11  C CG1 . ILE A 1 6   ? 7.390   -5.174  0.000   1.00 49.13 ? 3   ILE A CG1 1 
ATOM   12  C CG2 . ILE A 1 6   ? 7.182   -2.675  0.180   1.00 51.83 ? 3   ILE A CG2 1 
ATOM   13  C CD1 . ILE A 1 6   ? 6.695   -5.437  1.313   1.00 57.99 ? 3   ILE A CD1 1 
ATOM   14  N N   . VAL A 1 7   ? 9.188   -1.509  -2.416  1.00 46.76 ? 4   VAL A N   1 
ATOM   15  C CA  . VAL A 1 7   ? 9.843   -0.214  -2.550  1.00 42.07 ? 4   VAL A CA  1 
ATOM   16  C C   . VAL A 1 7   ? 9.187   0.887   -1.705  1.00 40.99 ? 4   VAL A C   1 
ATOM   17  O O   . VAL A 1 7   ? 7.963   1.000   -1.643  1.00 33.26 ? 4   VAL A O   1 
ATOM   18  C CB  . VAL A 1 7   ? 9.894   0.220   -4.040  1.00 47.36 ? 4   VAL A CB  1 
ATOM   19  C CG1 . VAL A 1 7   ? 8.548   0.021   -4.684  1.00 50.05 ? 4   VAL A CG1 1 
ATOM   20  C CG2 . VAL A 1 7   ? 10.305  1.683   -4.157  1.00 47.07 ? 4   VAL A CG2 1 
ATOM   21  N N   . LYS A 1 8   ? 10.019  1.684   -1.037  1.00 37.01 ? 5   LYS A N   1 
ATOM   22  C CA  . LYS A 1 8   ? 9.534   2.783   -0.210  1.00 36.73 ? 5   LYS A CA  1 
ATOM   23  C C   . LYS A 1 8   ? 9.162   3.953   -1.113  1.00 36.77 ? 5   LYS A C   1 
ATOM   24  O O   . LYS A 1 8   ? 9.699   4.092   -2.212  1.00 39.54 ? 5   LYS A O   1 
ATOM   25  C CB  . LYS A 1 8   ? 10.615  3.229   0.778   1.00 38.68 ? 5   LYS A CB  1 
ATOM   26  N N   . VAL A 1 9   ? 8.237   4.785   -0.654  1.00 28.46 ? 6   VAL A N   1 
ATOM   27  C CA  . VAL A 1 9   ? 7.809   5.948   -1.418  1.00 26.91 ? 6   VAL A CA  1 
ATOM   28  C C   . VAL A 1 9   ? 7.645   7.103   -0.414  1.00 28.59 ? 6   VAL A C   1 
ATOM   29  O O   . VAL A 1 9   ? 7.356   6.862   0.759   1.00 26.49 ? 6   VAL A O   1 
ATOM   30  C CB  . VAL A 1 9   ? 6.479   5.642   -2.186  1.00 27.09 ? 6   VAL A CB  1 
ATOM   31  C CG1 . VAL A 1 9   ? 5.331   5.379   -1.207  1.00 24.60 ? 6   VAL A CG1 1 
ATOM   32  C CG2 . VAL A 1 9   ? 6.145   6.777   -3.115  1.00 34.60 ? 6   VAL A CG2 1 
ATOM   33  N N   . THR A 1 10  ? 7.849   8.343   -0.865  1.00 26.51 ? 7   THR A N   1 
ATOM   34  C CA  . THR A 1 10  ? 7.757   9.527   0.005   1.00 26.99 ? 7   THR A CA  1 
ATOM   35  C C   . THR A 1 10  ? 6.898   10.640  -0.610  1.00 26.52 ? 7   THR A C   1 
ATOM   36  O O   . THR A 1 10  ? 6.450   10.523  -1.756  1.00 24.92 ? 7   THR A O   1 
ATOM   37  C CB  . THR A 1 10  ? 9.174   10.119  0.279   1.00 29.35 ? 7   THR A CB  1 
ATOM   38  O OG1 . THR A 1 10  ? 9.770   10.534  -0.958  1.00 26.89 ? 7   THR A OG1 1 
ATOM   39  C CG2 . THR A 1 10  ? 10.080  9.082   0.920   1.00 30.13 ? 7   THR A CG2 1 
ATOM   40  N N   . ASP A 1 11  ? 6.676   11.722  0.138   1.00 24.46 ? 8   ASP A N   1 
ATOM   41  C CA  . ASP A 1 11  ? 5.881   12.832  -0.399  1.00 29.35 ? 8   ASP A CA  1 
ATOM   42  C C   . ASP A 1 11  ? 6.484   13.384  -1.688  1.00 31.83 ? 8   ASP A C   1 
ATOM   43  O O   . ASP A 1 11  ? 5.762   13.832  -2.581  1.00 33.53 ? 8   ASP A O   1 
ATOM   44  C CB  . ASP A 1 11  ? 5.781   14.008  0.587   1.00 31.21 ? 8   ASP A CB  1 
ATOM   45  C CG  . ASP A 1 11  ? 4.900   13.714  1.782   1.00 29.94 ? 8   ASP A CG  1 
ATOM   46  O OD1 . ASP A 1 11  ? 3.875   13.021  1.615   1.00 31.17 ? 8   ASP A OD1 1 
ATOM   47  O OD2 . ASP A 1 11  ? 5.210   14.212  2.888   1.00 34.32 ? 8   ASP A OD2 1 
ATOM   48  N N   . ALA A 1 12  ? 7.812   13.343  -1.776  1.00 31.51 ? 9   ALA A N   1 
ATOM   49  C CA  . ALA A 1 12  ? 8.535   13.883  -2.926  1.00 32.44 ? 9   ALA A CA  1 
ATOM   50  C C   . ALA A 1 12  ? 8.400   13.150  -4.254  1.00 33.66 ? 9   ALA A C   1 
ATOM   51  O O   . ALA A 1 12  ? 8.373   13.784  -5.309  1.00 31.83 ? 9   ALA A O   1 
ATOM   52  C CB  . ALA A 1 12  ? 10.020  14.022  -2.574  1.00 29.07 ? 9   ALA A CB  1 
ATOM   53  N N   . ASP A 1 13  ? 8.317   11.825  -4.217  1.00 29.81 ? 10  ASP A N   1 
ATOM   54  C CA  . ASP A 1 13  ? 8.231   11.060  -5.456  1.00 31.44 ? 10  ASP A CA  1 
ATOM   55  C C   . ASP A 1 13  ? 6.954   10.242  -5.623  1.00 32.30 ? 10  ASP A C   1 
ATOM   56  O O   . ASP A 1 13  ? 6.863   9.423   -6.534  1.00 34.76 ? 10  ASP A O   1 
ATOM   57  C CB  . ASP A 1 13  ? 9.454   10.143  -5.560  1.00 22.68 ? 10  ASP A CB  1 
ATOM   58  C CG  . ASP A 1 13  ? 9.489   9.088   -4.469  1.00 33.09 ? 10  ASP A CG  1 
ATOM   59  O OD1 . ASP A 1 13  ? 9.025   9.372   -3.347  1.00 34.13 ? 10  ASP A OD1 1 
ATOM   60  O OD2 . ASP A 1 13  ? 10.005  7.977   -4.721  1.00 34.22 ? 10  ASP A OD2 1 
ATOM   61  N N   . PHE A 1 14  ? 5.968   10.478  -4.761  1.00 32.92 ? 11  PHE A N   1 
ATOM   62  C CA  . PHE A 1 14  ? 4.711   9.730   -4.812  1.00 29.00 ? 11  PHE A CA  1 
ATOM   63  C C   . PHE A 1 14  ? 4.018   9.763   -6.178  1.00 28.16 ? 11  PHE A C   1 
ATOM   64  O O   . PHE A 1 14  ? 3.711   8.718   -6.744  1.00 25.88 ? 11  PHE A O   1 
ATOM   65  C CB  . PHE A 1 14  ? 3.734   10.253  -3.763  1.00 25.84 ? 11  PHE A CB  1 
ATOM   66  C CG  . PHE A 1 14  ? 2.572   9.335   -3.515  1.00 27.13 ? 11  PHE A CG  1 
ATOM   67  C CD1 . PHE A 1 14  ? 2.709   8.235   -2.674  1.00 22.55 ? 11  PHE A CD1 1 
ATOM   68  C CD2 . PHE A 1 14  ? 1.344   9.562   -4.129  1.00 28.61 ? 11  PHE A CD2 1 
ATOM   69  C CE1 . PHE A 1 14  ? 1.638   7.375   -2.441  1.00 31.51 ? 11  PHE A CE1 1 
ATOM   70  C CE2 . PHE A 1 14  ? 0.262   8.708   -3.905  1.00 32.89 ? 11  PHE A CE2 1 
ATOM   71  C CZ  . PHE A 1 14  ? 0.408   7.612   -3.057  1.00 29.49 ? 11  PHE A CZ  1 
ATOM   72  N N   . ASP A 1 15  ? 3.762   10.962  -6.698  1.00 30.37 ? 12  ASP A N   1 
ATOM   73  C CA  . ASP A 1 15  ? 3.095   11.105  -7.991  1.00 32.90 ? 12  ASP A CA  1 
ATOM   74  C C   . ASP A 1 15  ? 3.921   10.512  -9.121  1.00 38.63 ? 12  ASP A C   1 
ATOM   75  O O   . ASP A 1 15  ? 3.387   10.110  -10.156 1.00 36.97 ? 12  ASP A O   1 
ATOM   76  C CB  . ASP A 1 15  ? 2.810   12.576  -8.280  1.00 42.33 ? 12  ASP A CB  1 
ATOM   77  C CG  . ASP A 1 15  ? 1.938   13.211  -7.220  1.00 48.72 ? 12  ASP A CG  1 
ATOM   78  O OD1 . ASP A 1 15  ? 0.879   12.629  -6.901  1.00 61.56 ? 12  ASP A OD1 1 
ATOM   79  O OD2 . ASP A 1 15  ? 2.304   14.291  -6.711  1.00 61.00 ? 12  ASP A OD2 1 
ATOM   80  N N   . SER A 1 16  ? 5.231   10.464  -8.916  1.00 37.07 ? 13  SER A N   1 
ATOM   81  C CA  . SER A 1 16  ? 6.141   9.903   -9.900  1.00 37.40 ? 13  SER A CA  1 
ATOM   82  C C   . SER A 1 16  ? 5.995   8.385   -9.959  1.00 37.36 ? 13  SER A C   1 
ATOM   83  O O   . SER A 1 16  ? 5.952   7.802   -11.038 1.00 41.43 ? 13  SER A O   1 
ATOM   84  C CB  . SER A 1 16  ? 7.582   10.267  -9.532  1.00 44.65 ? 13  SER A CB  1 
ATOM   85  O OG  . SER A 1 16  ? 8.502   9.606   -10.374 1.00 46.14 ? 13  SER A OG  1 
ATOM   86  N N   . LYS A 1 17  ? 5.909   7.750   -8.795  1.00 34.02 ? 14  LYS A N   1 
ATOM   87  C CA  . LYS A 1 17  ? 5.799   6.297   -8.725  1.00 31.96 ? 14  LYS A CA  1 
ATOM   88  C C   . LYS A 1 17  ? 4.390   5.720   -8.820  1.00 34.36 ? 14  LYS A C   1 
ATOM   89  O O   . LYS A 1 17  ? 4.219   4.550   -9.172  1.00 32.71 ? 14  LYS A O   1 
ATOM   90  C CB  . LYS A 1 17  ? 6.484   5.798   -7.454  1.00 40.57 ? 14  LYS A CB  1 
ATOM   91  C CG  . LYS A 1 17  ? 8.011   5.876   -7.539  1.00 41.58 ? 14  LYS A CG  1 
ATOM   92  C CD  . LYS A 1 17  ? 8.698   5.493   -6.242  1.00 41.51 ? 14  LYS A CD  1 
ATOM   93  C CE  . LYS A 1 17  ? 10.198  5.365   -6.467  1.00 43.50 ? 14  LYS A CE  1 
ATOM   94  N NZ  . LYS A 1 17  ? 10.742  6.568   -7.160  1.00 38.10 ? 14  LYS A NZ  1 
ATOM   95  N N   . VAL A 1 18  ? 3.385   6.529   -8.498  1.00 32.37 ? 15  VAL A N   1 
ATOM   96  C CA  . VAL A 1 18  ? 1.994   6.091   -8.568  1.00 33.83 ? 15  VAL A CA  1 
ATOM   97  C C   . VAL A 1 18  ? 1.339   6.867   -9.699  1.00 37.91 ? 15  VAL A C   1 
ATOM   98  O O   . VAL A 1 18  ? 0.768   7.936   -9.472  1.00 45.44 ? 15  VAL A O   1 
ATOM   99  C CB  . VAL A 1 18  ? 1.239   6.389   -7.249  1.00 34.92 ? 15  VAL A CB  1 
ATOM   100 C CG1 . VAL A 1 18  ? -0.221  5.968   -7.381  1.00 38.68 ? 15  VAL A CG1 1 
ATOM   101 C CG2 . VAL A 1 18  ? 1.894   5.644   -6.086  1.00 31.32 ? 15  VAL A CG2 1 
ATOM   102 N N   . GLU A 1 19  ? 1.415   6.337   -10.917 1.00 35.98 ? 16  GLU A N   1 
ATOM   103 C CA  . GLU A 1 19  ? 0.848   7.038   -12.061 1.00 38.86 ? 16  GLU A CA  1 
ATOM   104 C C   . GLU A 1 19  ? 0.319   6.125   -13.146 1.00 42.36 ? 16  GLU A C   1 
ATOM   105 O O   . GLU A 1 19  ? -0.618  6.484   -13.861 1.00 42.55 ? 16  GLU A O   1 
ATOM   106 C CB  . GLU A 1 19  ? 1.890   7.971   -12.675 1.00 34.34 ? 16  GLU A CB  1 
ATOM   107 N N   . SER A 1 20  ? 0.921   4.952   -13.277 1.00 42.45 ? 17  SER A N   1 
ATOM   108 C CA  . SER A 1 20  ? 0.494   4.013   -14.295 1.00 44.25 ? 17  SER A CA  1 
ATOM   109 C C   . SER A 1 20  ? 0.457   2.592   -13.759 1.00 41.70 ? 17  SER A C   1 
ATOM   110 O O   . SER A 1 20  ? 1.363   2.157   -13.046 1.00 38.41 ? 17  SER A O   1 
ATOM   111 C CB  . SER A 1 20  ? 1.426   4.100   -15.507 1.00 49.60 ? 17  SER A CB  1 
ATOM   112 O OG  . SER A 1 20  ? 2.767   3.826   -15.128 1.00 61.42 ? 17  SER A OG  1 
ATOM   113 N N   . GLY A 1 21  ? -0.603  1.877   -14.111 1.00 37.52 ? 18  GLY A N   1 
ATOM   114 C CA  . GLY A 1 21  ? -0.746  0.509   -13.662 1.00 38.04 ? 18  GLY A CA  1 
ATOM   115 C C   . GLY A 1 21  ? -1.400  0.426   -12.301 1.00 44.27 ? 18  GLY A C   1 
ATOM   116 O O   . GLY A 1 21  ? -2.028  1.382   -11.833 1.00 41.80 ? 18  GLY A O   1 
ATOM   117 N N   . VAL A 1 22  ? -1.247  -0.730  -11.669 1.00 41.47 ? 19  VAL A N   1 
ATOM   118 C CA  . VAL A 1 22  ? -1.810  -0.977  -10.354 1.00 41.42 ? 19  VAL A CA  1 
ATOM   119 C C   . VAL A 1 22  ? -0.745  -1.048  -9.271  1.00 39.40 ? 19  VAL A C   1 
ATOM   120 O O   . VAL A 1 22  ? 0.228   -1.796  -9.386  1.00 36.72 ? 19  VAL A O   1 
ATOM   121 C CB  . VAL A 1 22  ? -2.596  -2.290  -10.341 1.00 42.23 ? 19  VAL A CB  1 
ATOM   122 C CG1 . VAL A 1 22  ? -3.108  -2.581  -8.939  1.00 36.07 ? 19  VAL A CG1 1 
ATOM   123 C CG2 . VAL A 1 22  ? -3.750  -2.201  -11.323 1.00 45.06 ? 19  VAL A CG2 1 
ATOM   124 N N   . GLN A 1 23  ? -0.932  -0.247  -8.227  1.00 33.55 ? 20  GLN A N   1 
ATOM   125 C CA  . GLN A 1 23  ? -0.021  -0.238  -7.092  1.00 31.25 ? 20  GLN A CA  1 
ATOM   126 C C   . GLN A 1 23  ? -0.803  -0.404  -5.796  1.00 32.71 ? 20  GLN A C   1 
ATOM   127 O O   . GLN A 1 23  ? -1.937  0.070   -5.674  1.00 28.80 ? 20  GLN A O   1 
ATOM   128 C CB  . GLN A 1 23  ? 0.767   1.076   -6.983  1.00 36.67 ? 20  GLN A CB  1 
ATOM   129 C CG  . GLN A 1 23  ? 1.890   1.315   -7.989  1.00 39.13 ? 20  GLN A CG  1 
ATOM   130 C CD  . GLN A 1 23  ? 1.401   1.792   -9.330  1.00 40.96 ? 20  GLN A CD  1 
ATOM   131 O OE1 . GLN A 1 23  ? 0.704   2.801   -9.424  1.00 45.37 ? 20  GLN A OE1 1 
ATOM   132 N NE2 . GLN A 1 23  ? 1.774   1.079   -10.381 1.00 49.60 ? 20  GLN A NE2 1 
ATOM   133 N N   . LEU A 1 24  ? -0.196  -1.090  -4.835  1.00 29.29 ? 21  LEU A N   1 
ATOM   134 C CA  . LEU A 1 24  ? -0.797  -1.260  -3.523  1.00 27.45 ? 21  LEU A CA  1 
ATOM   135 C C   . LEU A 1 24  ? 0.119   -0.449  -2.623  1.00 24.98 ? 21  LEU A C   1 
ATOM   136 O O   . LEU A 1 24  ? 1.319   -0.718  -2.561  1.00 26.21 ? 21  LEU A O   1 
ATOM   137 C CB  . LEU A 1 24  ? -0.779  -2.729  -3.079  1.00 31.41 ? 21  LEU A CB  1 
ATOM   138 C CG  . LEU A 1 24  ? -1.367  -2.997  -1.685  1.00 32.96 ? 21  LEU A CG  1 
ATOM   139 C CD1 . LEU A 1 24  ? -2.828  -2.582  -1.653  1.00 34.71 ? 21  LEU A CD1 1 
ATOM   140 C CD2 . LEU A 1 24  ? -1.249  -4.475  -1.337  1.00 33.61 ? 21  LEU A CD2 1 
ATOM   141 N N   . VAL A 1 25  ? -0.434  0.554   -1.951  1.00 17.10 ? 22  VAL A N   1 
ATOM   142 C CA  . VAL A 1 25  ? 0.366   1.385   -1.063  1.00 19.26 ? 22  VAL A CA  1 
ATOM   143 C C   . VAL A 1 25  ? 0.053   1.110   0.407   1.00 20.18 ? 22  VAL A C   1 
ATOM   144 O O   . VAL A 1 25  ? -1.088  1.248   0.850   1.00 17.90 ? 22  VAL A O   1 
ATOM   145 C CB  . VAL A 1 25  ? 0.145   2.888   -1.341  1.00 18.81 ? 22  VAL A CB  1 
ATOM   146 C CG1 . VAL A 1 25  ? 0.981   3.719   -0.386  1.00 20.02 ? 22  VAL A CG1 1 
ATOM   147 C CG2 . VAL A 1 25  ? 0.495   3.211   -2.789  1.00 20.49 ? 22  VAL A CG2 1 
ATOM   148 N N   . ASP A 1 26  ? 1.084   0.728   1.149   1.00 15.50 ? 23  ASP A N   1 
ATOM   149 C CA  . ASP A 1 26  ? 0.966   0.430   2.565   1.00 20.70 ? 23  ASP A CA  1 
ATOM   150 C C   . ASP A 1 26  ? 1.349   1.650   3.413   1.00 23.74 ? 23  ASP A C   1 
ATOM   151 O O   . ASP A 1 26  ? 2.506   2.075   3.398   1.00 20.67 ? 23  ASP A O   1 
ATOM   152 C CB  . ASP A 1 26  ? 1.863   -0.773  2.907   1.00 20.56 ? 23  ASP A CB  1 
ATOM   153 C CG  . ASP A 1 26  ? 1.835   -1.132  4.390   1.00 28.09 ? 23  ASP A CG  1 
ATOM   154 O OD1 . ASP A 1 26  ? 0.744   -1.095  4.985   1.00 29.89 ? 23  ASP A OD1 1 
ATOM   155 O OD2 . ASP A 1 26  ? 2.892   -1.480  4.955   1.00 23.10 ? 23  ASP A OD2 1 
ATOM   156 N N   . PHE A 1 27  ? 0.368   2.226   4.114   1.00 21.06 ? 24  PHE A N   1 
ATOM   157 C CA  . PHE A 1 27  ? 0.597   3.383   4.991   1.00 21.70 ? 24  PHE A CA  1 
ATOM   158 C C   . PHE A 1 27  ? 0.867   2.813   6.375   1.00 22.41 ? 24  PHE A C   1 
ATOM   159 O O   . PHE A 1 27  ? -0.031  2.282   7.031   1.00 19.57 ? 24  PHE A O   1 
ATOM   160 C CB  . PHE A 1 27  ? -0.628  4.313   5.049   1.00 20.48 ? 24  PHE A CB  1 
ATOM   161 C CG  . PHE A 1 27  ? -0.946  5.001   3.741   1.00 23.56 ? 24  PHE A CG  1 
ATOM   162 C CD1 . PHE A 1 27  ? -1.578  4.317   2.708   1.00 22.08 ? 24  PHE A CD1 1 
ATOM   163 C CD2 . PHE A 1 27  ? -0.584  6.334   3.537   1.00 21.08 ? 24  PHE A CD2 1 
ATOM   164 C CE1 . PHE A 1 27  ? -1.846  4.943   1.493   1.00 23.95 ? 24  PHE A CE1 1 
ATOM   165 C CE2 . PHE A 1 27  ? -0.842  6.971   2.326   1.00 20.88 ? 24  PHE A CE2 1 
ATOM   166 C CZ  . PHE A 1 27  ? -1.474  6.277   1.298   1.00 25.82 ? 24  PHE A CZ  1 
ATOM   167 N N   . TRP A 1 28  ? 2.112   2.923   6.820   1.00 25.81 ? 25  TRP A N   1 
ATOM   168 C CA  . TRP A 1 28  ? 2.500   2.355   8.103   1.00 24.75 ? 25  TRP A CA  1 
ATOM   169 C C   . TRP A 1 28  ? 3.302   3.340   8.955   1.00 21.73 ? 25  TRP A C   1 
ATOM   170 O O   . TRP A 1 28  ? 3.517   4.481   8.560   1.00 27.48 ? 25  TRP A O   1 
ATOM   171 C CB  . TRP A 1 28  ? 3.352   1.115   7.852   1.00 24.20 ? 25  TRP A CB  1 
ATOM   172 C CG  . TRP A 1 28  ? 4.691   1.461   7.270   1.00 27.02 ? 25  TRP A CG  1 
ATOM   173 C CD1 . TRP A 1 28  ? 4.939   1.999   6.038   1.00 29.93 ? 25  TRP A CD1 1 
ATOM   174 C CD2 . TRP A 1 28  ? 5.959   1.376   7.935   1.00 27.72 ? 25  TRP A CD2 1 
ATOM   175 N NE1 . TRP A 1 28  ? 6.284   2.259   5.896   1.00 27.01 ? 25  TRP A NE1 1 
ATOM   176 C CE2 . TRP A 1 28  ? 6.933   1.888   7.046   1.00 34.56 ? 25  TRP A CE2 1 
ATOM   177 C CE3 . TRP A 1 28  ? 6.366   0.921   9.197   1.00 27.57 ? 25  TRP A CE3 1 
ATOM   178 C CZ2 . TRP A 1 28  ? 8.294   1.956   7.380   1.00 29.72 ? 25  TRP A CZ2 1 
ATOM   179 C CZ3 . TRP A 1 28  ? 7.716   0.989   9.532   1.00 33.10 ? 25  TRP A CZ3 1 
ATOM   180 C CH2 . TRP A 1 28  ? 8.666   1.503   8.624   1.00 33.19 ? 25  TRP A CH2 1 
ATOM   181 N N   . ALA A 1 29  ? 3.742   2.868   10.119  1.00 16.74 ? 26  ALA A N   1 
ATOM   182 C CA  . ALA A 1 29  ? 4.545   3.647   11.051  1.00 19.99 ? 26  ALA A CA  1 
ATOM   183 C C   . ALA A 1 29  ? 5.255   2.677   11.999  1.00 23.97 ? 26  ALA A C   1 
ATOM   184 O O   . ALA A 1 29  ? 4.757   1.577   12.270  1.00 22.72 ? 26  ALA A O   1 
ATOM   185 C CB  . ALA A 1 29  ? 3.668   4.622   11.845  1.00 19.78 ? 26  ALA A CB  1 
ATOM   186 N N   . THR A 1 30  ? 6.419   3.086   12.494  1.00 24.35 ? 27  THR A N   1 
ATOM   187 C CA  . THR A 1 30  ? 7.214   2.250   13.393  1.00 29.22 ? 27  THR A CA  1 
ATOM   188 C C   . THR A 1 30  ? 6.529   1.882   14.711  1.00 28.26 ? 27  THR A C   1 
ATOM   189 O O   . THR A 1 30  ? 6.808   0.832   15.279  1.00 25.37 ? 27  THR A O   1 
ATOM   190 C CB  . THR A 1 30  ? 8.571   2.916   13.715  1.00 28.43 ? 27  THR A CB  1 
ATOM   191 O OG1 . THR A 1 30  ? 8.345   4.211   14.284  1.00 35.47 ? 27  THR A OG1 1 
ATOM   192 C CG2 . THR A 1 30  ? 9.409   3.065   12.454  1.00 31.02 ? 27  THR A CG2 1 
ATOM   193 N N   . TRP A 1 31  ? 5.643   2.742   15.200  1.00 27.59 ? 28  TRP A N   1 
ATOM   194 C CA  . TRP A 1 31  ? 4.941   2.467   16.451  1.00 27.22 ? 28  TRP A CA  1 
ATOM   195 C C   . TRP A 1 31  ? 3.704   1.583   16.270  1.00 33.32 ? 28  TRP A C   1 
ATOM   196 O O   . TRP A 1 31  ? 3.016   1.245   17.241  1.00 31.11 ? 28  TRP A O   1 
ATOM   197 C CB  . TRP A 1 31  ? 4.515   3.781   17.111  1.00 27.33 ? 28  TRP A CB  1 
ATOM   198 C CG  . TRP A 1 31  ? 3.926   4.792   16.156  1.00 28.54 ? 28  TRP A CG  1 
ATOM   199 C CD1 . TRP A 1 31  ? 4.591   5.808   15.533  1.00 27.09 ? 28  TRP A CD1 1 
ATOM   200 C CD2 . TRP A 1 31  ? 2.572   4.852   15.685  1.00 30.08 ? 28  TRP A CD2 1 
ATOM   201 N NE1 . TRP A 1 31  ? 3.737   6.500   14.706  1.00 29.63 ? 28  TRP A NE1 1 
ATOM   202 C CE2 . TRP A 1 31  ? 2.493   5.933   14.781  1.00 28.25 ? 28  TRP A CE2 1 
ATOM   203 C CE3 . TRP A 1 31  ? 1.419   4.097   15.940  1.00 37.20 ? 28  TRP A CE3 1 
ATOM   204 C CZ2 . TRP A 1 31  ? 1.309   6.279   14.126  1.00 26.95 ? 28  TRP A CZ2 1 
ATOM   205 C CZ3 . TRP A 1 31  ? 0.237   4.443   15.286  1.00 32.69 ? 28  TRP A CZ3 1 
ATOM   206 C CH2 . TRP A 1 31  ? 0.193   5.522   14.391  1.00 32.98 ? 28  TRP A CH2 1 
ATOM   207 N N   . CYS A 1 32  ? 3.436   1.197   15.028  1.00 29.52 ? 29  CYS A N   1 
ATOM   208 C CA  . CYS A 1 32  ? 2.260   0.399   14.697  1.00 29.93 ? 29  CYS A CA  1 
ATOM   209 C C   . CYS A 1 32  ? 2.476   -1.122  14.770  1.00 32.25 ? 29  CYS A C   1 
ATOM   210 O O   . CYS A 1 32  ? 3.064   -1.726  13.868  1.00 27.75 ? 29  CYS A O   1 
ATOM   211 C CB  . CYS A 1 32  ? 1.802   0.791   13.298  1.00 30.20 ? 29  CYS A CB  1 
ATOM   212 S SG  . CYS A 1 32  ? 0.335   -0.066  12.658  1.00 25.18 ? 29  CYS A SG  1 
ATOM   213 N N   . GLY A 1 33  ? 1.981   -1.731  15.844  1.00 25.45 ? 30  GLY A N   1 
ATOM   214 C CA  . GLY A 1 33  ? 2.123   -3.163  16.025  1.00 25.33 ? 30  GLY A CA  1 
ATOM   215 C C   . GLY A 1 33  ? 1.449   -3.992  14.943  1.00 27.50 ? 30  GLY A C   1 
ATOM   216 O O   . GLY A 1 33  ? 2.049   -4.933  14.417  1.00 28.16 ? 30  GLY A O   1 
ATOM   217 N N   . THR A 1 34  ? 0.207   -3.654  14.604  1.00 22.60 ? 31  THR A N   1 
ATOM   218 C CA  . THR A 1 34  ? -0.516  -4.405  13.580  1.00 25.64 ? 31  THR A CA  1 
ATOM   219 C C   . THR A 1 34  ? 0.161   -4.284  12.214  1.00 27.68 ? 31  THR A C   1 
ATOM   220 O O   . THR A 1 34  ? 0.069   -5.199  11.394  1.00 22.91 ? 31  THR A O   1 
ATOM   221 C CB  . THR A 1 34  ? -1.987  -3.940  13.464  1.00 24.44 ? 31  THR A CB  1 
ATOM   222 O OG1 . THR A 1 34  ? -2.629  -4.061  14.741  1.00 32.43 ? 31  THR A OG1 1 
ATOM   223 C CG2 . THR A 1 34  ? -2.743  -4.804  12.455  1.00 20.78 ? 31  THR A CG2 1 
ATOM   224 N N   . CYS A 1 35  ? 0.836   -3.158  11.973  1.00 24.08 ? 32  CYS A N   1 
ATOM   225 C CA  . CYS A 1 35  ? 1.538   -2.943  10.709  1.00 22.02 ? 32  CYS A CA  1 
ATOM   226 C C   . CYS A 1 35  ? 2.726   -3.908  10.586  1.00 27.06 ? 32  CYS A C   1 
ATOM   227 O O   . CYS A 1 35  ? 3.054   -4.374  9.492   1.00 25.13 ? 32  CYS A O   1 
ATOM   228 C CB  . CYS A 1 35  ? 2.059   -1.500  10.598  1.00 21.99 ? 32  CYS A CB  1 
ATOM   229 S SG  . CYS A 1 35  ? 0.800   -0.180  10.681  1.00 24.34 ? 32  CYS A SG  1 
ATOM   230 N N   . LYS A 1 36  ? 3.376   -4.197  11.709  1.00 28.34 ? 33  LYS A N   1 
ATOM   231 C CA  . LYS A 1 36  ? 4.520   -5.104  11.703  1.00 33.04 ? 33  LYS A CA  1 
ATOM   232 C C   . LYS A 1 36  ? 4.021   -6.514  11.452  1.00 32.19 ? 33  LYS A C   1 
ATOM   233 O O   . LYS A 1 36  ? 4.722   -7.341  10.877  1.00 38.69 ? 33  LYS A O   1 
ATOM   234 C CB  . LYS A 1 36  ? 5.255   -5.057  13.046  1.00 32.26 ? 33  LYS A CB  1 
ATOM   235 N N   . MET A 1 37  ? 2.790   -6.768  11.874  1.00 32.70 ? 34  MET A N   1 
ATOM   236 C CA  . MET A 1 37  ? 2.161   -8.073  11.721  1.00 31.45 ? 34  MET A CA  1 
ATOM   237 C C   . MET A 1 37  ? 1.790   -8.372  10.257  1.00 31.84 ? 34  MET A C   1 
ATOM   238 O O   . MET A 1 37  ? 1.761   -9.527  9.845   1.00 35.35 ? 34  MET A O   1 
ATOM   239 C CB  . MET A 1 37  ? 0.910   -8.121  12.591  1.00 32.90 ? 34  MET A CB  1 
ATOM   240 C CG  . MET A 1 37  ? 0.680   -9.426  13.296  1.00 45.31 ? 34  MET A CG  1 
ATOM   241 S SD  . MET A 1 37  ? 1.897   -9.784  14.588  1.00 41.42 ? 34  MET A SD  1 
ATOM   242 C CE  . MET A 1 37  ? 1.249   -11.350 15.068  1.00 56.80 ? 34  MET A CE  1 
ATOM   243 N N   . ILE A 1 38  ? 1.500   -7.341  9.468   1.00 29.74 ? 35  ILE A N   1 
ATOM   244 C CA  . ILE A 1 38  ? 1.139   -7.571  8.066   1.00 29.31 ? 35  ILE A CA  1 
ATOM   245 C C   . ILE A 1 38  ? 2.326   -7.463  7.107   1.00 25.73 ? 35  ILE A C   1 
ATOM   246 O O   . ILE A 1 38  ? 2.228   -7.866  5.948   1.00 25.30 ? 35  ILE A O   1 
ATOM   247 C CB  . ILE A 1 38  ? 0.064   -6.578  7.565   1.00 35.04 ? 35  ILE A CB  1 
ATOM   248 C CG1 . ILE A 1 38  ? 0.620   -5.156  7.576   1.00 36.98 ? 35  ILE A CG1 1 
ATOM   249 C CG2 . ILE A 1 38  ? -1.174  -6.661  8.430   1.00 46.15 ? 35  ILE A CG2 1 
ATOM   250 C CD1 . ILE A 1 38  ? -0.324  -4.137  6.987   1.00 53.23 ? 35  ILE A CD1 1 
ATOM   251 N N   . ALA A 1 39  ? 3.439   -6.913  7.586   1.00 26.64 ? 36  ALA A N   1 
ATOM   252 C CA  . ALA A 1 39  ? 4.625   -6.739  6.752   1.00 32.98 ? 36  ALA A CA  1 
ATOM   253 C C   . ALA A 1 39  ? 5.041   -8.006  6.000   1.00 33.78 ? 36  ALA A C   1 
ATOM   254 O O   . ALA A 1 39  ? 5.244   -7.972  4.787   1.00 33.08 ? 36  ALA A O   1 
ATOM   255 C CB  . ALA A 1 39  ? 5.795   -6.224  7.600   1.00 30.23 ? 36  ALA A CB  1 
ATOM   256 N N   . PRO A 1 40  ? 5.201   -9.135  6.714   1.00 35.26 ? 37  PRO A N   1 
ATOM   257 C CA  . PRO A 1 40  ? 5.599   -10.390 6.064   1.00 34.43 ? 37  PRO A CA  1 
ATOM   258 C C   . PRO A 1 40  ? 4.576   -10.868 5.028   1.00 33.81 ? 37  PRO A C   1 
ATOM   259 O O   . PRO A 1 40  ? 4.931   -11.478 4.017   1.00 27.54 ? 37  PRO A O   1 
ATOM   260 C CB  . PRO A 1 40  ? 5.742   -11.348 7.249   1.00 33.53 ? 37  PRO A CB  1 
ATOM   261 C CG  . PRO A 1 40  ? 4.693   -10.817 8.209   1.00 40.04 ? 37  PRO A CG  1 
ATOM   262 C CD  . PRO A 1 40  ? 5.071   -9.348  8.165   1.00 37.84 ? 37  PRO A CD  1 
ATOM   263 N N   . VAL A 1 41  ? 3.307   -10.581 5.280   1.00 31.81 ? 38  VAL A N   1 
ATOM   264 C CA  . VAL A 1 41  ? 2.253   -10.979 4.359   1.00 34.15 ? 38  VAL A CA  1 
ATOM   265 C C   . VAL A 1 41  ? 2.356   -10.220 3.035   1.00 38.07 ? 38  VAL A C   1 
ATOM   266 O O   . VAL A 1 41  ? 2.022   -10.759 1.981   1.00 36.70 ? 38  VAL A O   1 
ATOM   267 C CB  . VAL A 1 41  ? 0.865   -10.737 4.976   1.00 42.28 ? 38  VAL A CB  1 
ATOM   268 C CG1 . VAL A 1 41  ? -0.223  -11.109 3.984   1.00 37.19 ? 38  VAL A CG1 1 
ATOM   269 C CG2 . VAL A 1 41  ? 0.723   -11.552 6.253   1.00 36.24 ? 38  VAL A CG2 1 
ATOM   270 N N   . LEU A 1 42  ? 2.827   -8.974  3.090   1.00 34.63 ? 39  LEU A N   1 
ATOM   271 C CA  . LEU A 1 42  ? 2.972   -8.163  1.886   1.00 35.37 ? 39  LEU A CA  1 
ATOM   272 C C   . LEU A 1 42  ? 4.217   -8.561  1.089   1.00 35.06 ? 39  LEU A C   1 
ATOM   273 O O   . LEU A 1 42  ? 4.224   -8.483  -0.137  1.00 33.82 ? 39  LEU A O   1 
ATOM   274 C CB  . LEU A 1 42  ? 3.032   -6.670  2.245   1.00 26.88 ? 39  LEU A CB  1 
ATOM   275 C CG  . LEU A 1 42  ? 1.766   -6.077  2.883   1.00 36.97 ? 39  LEU A CG  1 
ATOM   276 C CD1 . LEU A 1 42  ? 1.998   -4.634  3.293   1.00 29.24 ? 39  LEU A CD1 1 
ATOM   277 C CD2 . LEU A 1 42  ? 0.615   -6.171  1.910   1.00 33.91 ? 39  LEU A CD2 1 
ATOM   278 N N   . GLU A 1 43  ? 5.268   -8.983  1.783   1.00 33.06 ? 40  GLU A N   1 
ATOM   279 C CA  . GLU A 1 43  ? 6.490   -9.397  1.102   1.00 39.67 ? 40  GLU A CA  1 
ATOM   280 C C   . GLU A 1 43  ? 6.213   -10.635 0.249   1.00 37.98 ? 40  GLU A C   1 
ATOM   281 O O   . GLU A 1 43  ? 6.777   -10.791 -0.832  1.00 40.49 ? 40  GLU A O   1 
ATOM   282 C CB  . GLU A 1 43  ? 7.596   -9.691  2.118   1.00 38.58 ? 40  GLU A CB  1 
ATOM   283 C CG  . GLU A 1 43  ? 7.882   -8.510  3.022   1.00 53.38 ? 40  GLU A CG  1 
ATOM   284 C CD  . GLU A 1 43  ? 9.031   -8.756  3.979   1.00 64.73 ? 40  GLU A CD  1 
ATOM   285 O OE1 . GLU A 1 43  ? 8.997   -9.766  4.720   1.00 69.09 ? 40  GLU A OE1 1 
ATOM   286 O OE2 . GLU A 1 43  ? 9.966   -7.926  3.997   1.00 65.60 ? 40  GLU A OE2 1 
ATOM   287 N N   . GLU A 1 44  ? 5.337   -11.509 0.736   1.00 38.13 ? 41  GLU A N   1 
ATOM   288 C CA  . GLU A 1 44  ? 4.977   -12.716 -0.006  1.00 41.60 ? 41  GLU A CA  1 
ATOM   289 C C   . GLU A 1 44  ? 4.095   -12.305 -1.180  1.00 44.15 ? 41  GLU A C   1 
ATOM   290 O O   . GLU A 1 44  ? 4.342   -12.681 -2.329  1.00 43.91 ? 41  GLU A O   1 
ATOM   291 C CB  . GLU A 1 44  ? 4.209   -13.693 0.891   1.00 39.26 ? 41  GLU A CB  1 
ATOM   292 N N   . LEU A 1 45  ? 3.064   -11.526 -0.872  1.00 40.01 ? 42  LEU A N   1 
ATOM   293 C CA  . LEU A 1 45  ? 2.129   -11.036 -1.874  1.00 42.09 ? 42  LEU A CA  1 
ATOM   294 C C   . LEU A 1 45  ? 2.893   -10.372 -3.023  1.00 38.44 ? 42  LEU A C   1 
ATOM   295 O O   . LEU A 1 45  ? 2.578   -10.577 -4.194  1.00 36.64 ? 42  LEU A O   1 
ATOM   296 C CB  . LEU A 1 45  ? 1.182   -10.020 -1.235  1.00 40.13 ? 42  LEU A CB  1 
ATOM   297 C CG  . LEU A 1 45  ? 0.069   -9.481  -2.121  1.00 42.50 ? 42  LEU A CG  1 
ATOM   298 C CD1 . LEU A 1 45  ? -0.888  -10.614 -2.455  1.00 42.52 ? 42  LEU A CD1 1 
ATOM   299 C CD2 . LEU A 1 45  ? -0.668  -8.361  -1.398  1.00 48.95 ? 42  LEU A CD2 1 
ATOM   300 N N   . ALA A 1 46  ? 3.896   -9.572  -2.669  1.00 37.55 ? 43  ALA A N   1 
ATOM   301 C CA  . ALA A 1 46  ? 4.714   -8.869  -3.649  1.00 35.85 ? 43  ALA A CA  1 
ATOM   302 C C   . ALA A 1 46  ? 5.323   -9.846  -4.649  1.00 45.28 ? 43  ALA A C   1 
ATOM   303 O O   . ALA A 1 46  ? 5.364   -9.566  -5.846  1.00 48.52 ? 43  ALA A O   1 
ATOM   304 C CB  . ALA A 1 46  ? 5.807   -8.092  -2.946  1.00 28.66 ? 43  ALA A CB  1 
ATOM   305 N N   . ALA A 1 47  ? 5.791   -10.991 -4.148  1.00 45.77 ? 44  ALA A N   1 
ATOM   306 C CA  . ALA A 1 47  ? 6.392   -12.021 -4.996  1.00 45.84 ? 44  ALA A CA  1 
ATOM   307 C C   . ALA A 1 47  ? 5.330   -12.636 -5.899  1.00 45.83 ? 44  ALA A C   1 
ATOM   308 O O   . ALA A 1 47  ? 5.556   -12.845 -7.089  1.00 50.11 ? 44  ALA A O   1 
ATOM   309 C CB  . ALA A 1 47  ? 7.033   -13.104 -4.130  1.00 50.89 ? 44  ALA A CB  1 
ATOM   310 N N   . ASP A 1 48  ? 4.174   -12.928 -5.314  1.00 42.71 ? 45  ASP A N   1 
ATOM   311 C CA  . ASP A 1 48  ? 3.054   -13.501 -6.047  1.00 44.25 ? 45  ASP A CA  1 
ATOM   312 C C   . ASP A 1 48  ? 2.616   -12.614 -7.212  1.00 49.93 ? 45  ASP A C   1 
ATOM   313 O O   . ASP A 1 48  ? 1.971   -13.089 -8.143  1.00 50.13 ? 45  ASP A O   1 
ATOM   314 C CB  . ASP A 1 48  ? 1.866   -13.693 -5.104  1.00 50.03 ? 45  ASP A CB  1 
ATOM   315 C CG  . ASP A 1 48  ? 2.063   -14.837 -4.132  1.00 57.24 ? 45  ASP A CG  1 
ATOM   316 O OD1 . ASP A 1 48  ? 3.209   -15.052 -3.679  1.00 54.78 ? 45  ASP A OD1 1 
ATOM   317 O OD2 . ASP A 1 48  ? 1.060   -15.508 -3.803  1.00 53.94 ? 45  ASP A OD2 1 
ATOM   318 N N   . TYR A 1 49  ? 2.956   -11.326 -7.157  1.00 48.81 ? 46  TYR A N   1 
ATOM   319 C CA  . TYR A 1 49  ? 2.555   -10.399 -8.213  1.00 47.57 ? 46  TYR A CA  1 
ATOM   320 C C   . TYR A 1 49  ? 3.655   -9.621  -8.923  1.00 47.56 ? 46  TYR A C   1 
ATOM   321 O O   . TYR A 1 49  ? 3.414   -8.520  -9.426  1.00 50.41 ? 46  TYR A O   1 
ATOM   322 C CB  . TYR A 1 49  ? 1.516   -9.410  -7.671  1.00 45.07 ? 46  TYR A CB  1 
ATOM   323 C CG  . TYR A 1 49  ? 0.178   -10.048 -7.370  1.00 41.60 ? 46  TYR A CG  1 
ATOM   324 C CD1 . TYR A 1 49  ? 0.025   -10.942 -6.316  1.00 41.87 ? 46  TYR A CD1 1 
ATOM   325 C CD2 . TYR A 1 49  ? -0.923  -9.805  -8.185  1.00 43.67 ? 46  TYR A CD2 1 
ATOM   326 C CE1 . TYR A 1 49  ? -1.193  -11.582 -6.083  1.00 38.44 ? 46  TYR A CE1 1 
ATOM   327 C CE2 . TYR A 1 49  ? -2.146  -10.437 -7.963  1.00 36.29 ? 46  TYR A CE2 1 
ATOM   328 C CZ  . TYR A 1 49  ? -2.273  -11.327 -6.912  1.00 40.07 ? 46  TYR A CZ  1 
ATOM   329 O OH  . TYR A 1 49  ? -3.472  -11.974 -6.704  1.00 42.68 ? 46  TYR A OH  1 
ATOM   330 N N   . GLU A 1 50  ? 4.859   -10.178 -8.979  1.00 49.36 ? 47  GLU A N   1 
ATOM   331 C CA  . GLU A 1 50  ? 5.934   -9.483  -9.676  1.00 54.66 ? 47  GLU A CA  1 
ATOM   332 C C   . GLU A 1 50  ? 5.499   -9.366  -11.139 1.00 55.68 ? 47  GLU A C   1 
ATOM   333 O O   . GLU A 1 50  ? 5.149   -10.361 -11.771 1.00 57.96 ? 47  GLU A O   1 
ATOM   334 C CB  . GLU A 1 50  ? 7.239   -10.274 -9.587  1.00 52.68 ? 47  GLU A CB  1 
ATOM   335 N N   . GLY A 1 51  ? 5.492   -8.144  -11.664 1.00 57.23 ? 48  GLY A N   1 
ATOM   336 C CA  . GLY A 1 51  ? 5.089   -7.942  -13.044 1.00 57.39 ? 48  GLY A CA  1 
ATOM   337 C C   . GLY A 1 51  ? 3.603   -7.692  -13.216 1.00 57.43 ? 48  GLY A C   1 
ATOM   338 O O   . GLY A 1 51  ? 3.149   -7.347  -14.306 1.00 59.84 ? 48  GLY A O   1 
ATOM   339 N N   . LYS A 1 52  ? 2.834   -7.872  -12.150 1.00 53.56 ? 49  LYS A N   1 
ATOM   340 C CA  . LYS A 1 52  ? 1.403   -7.631  -12.229 1.00 51.97 ? 49  LYS A CA  1 
ATOM   341 C C   . LYS A 1 52  ? 1.072   -6.334  -11.492 1.00 50.54 ? 49  LYS A C   1 
ATOM   342 O O   . LYS A 1 52  ? 0.364   -5.477  -12.018 1.00 47.92 ? 49  LYS A O   1 
ATOM   343 C CB  . LYS A 1 52  ? 0.632   -8.805  -11.623 1.00 53.80 ? 49  LYS A CB  1 
ATOM   344 N N   . ALA A 1 53  ? 1.601   -6.184  -10.280 1.00 49.90 ? 50  ALA A N   1 
ATOM   345 C CA  . ALA A 1 53  ? 1.356   -4.987  -9.482  1.00 42.15 ? 50  ALA A CA  1 
ATOM   346 C C   . ALA A 1 53  ? 2.579   -4.625  -8.644  1.00 42.28 ? 50  ALA A C   1 
ATOM   347 O O   . ALA A 1 53  ? 3.441   -5.464  -8.397  1.00 44.37 ? 50  ALA A O   1 
ATOM   348 C CB  . ALA A 1 53  ? 0.154   -5.212  -8.579  1.00 39.57 ? 50  ALA A CB  1 
ATOM   349 N N   . ASP A 1 54  ? 2.656   -3.369  -8.221  1.00 41.15 ? 51  ASP A N   1 
ATOM   350 C CA  . ASP A 1 54  ? 3.763   -2.899  -7.393  1.00 39.40 ? 51  ASP A CA  1 
ATOM   351 C C   . ASP A 1 54  ? 3.236   -2.692  -5.973  1.00 41.32 ? 51  ASP A C   1 
ATOM   352 O O   . ASP A 1 54  ? 2.124   -2.197  -5.785  1.00 40.46 ? 51  ASP A O   1 
ATOM   353 C CB  . ASP A 1 54  ? 4.294   -1.551  -7.893  1.00 45.31 ? 51  ASP A CB  1 
ATOM   354 C CG  . ASP A 1 54  ? 4.778   -1.598  -9.328  1.00 57.12 ? 51  ASP A CG  1 
ATOM   355 O OD1 . ASP A 1 54  ? 5.148   -0.528  -9.859  1.00 61.19 ? 51  ASP A OD1 1 
ATOM   356 O OD2 . ASP A 1 54  ? 4.791   -2.695  -9.923  1.00 62.18 ? 51  ASP A OD2 1 
ATOM   357 N N   . ILE A 1 55  ? 4.023   -3.074  -4.978  1.00 35.21 ? 52  ILE A N   1 
ATOM   358 C CA  . ILE A 1 55  ? 3.611   -2.863  -3.600  1.00 33.06 ? 52  ILE A CA  1 
ATOM   359 C C   . ILE A 1 55  ? 4.603   -1.857  -3.028  1.00 32.15 ? 52  ILE A C   1 
ATOM   360 O O   . ILE A 1 55  ? 5.820   -2.069  -3.070  1.00 30.13 ? 52  ILE A O   1 
ATOM   361 C CB  . ILE A 1 55  ? 3.605   -4.182  -2.801  1.00 29.05 ? 52  ILE A CB  1 
ATOM   362 C CG1 . ILE A 1 55  ? 2.603   -5.147  -3.445  1.00 35.92 ? 52  ILE A CG1 1 
ATOM   363 C CG2 . ILE A 1 55  ? 3.204   -3.918  -1.354  1.00 32.86 ? 52  ILE A CG2 1 
ATOM   364 C CD1 . ILE A 1 55  ? 2.468   -6.471  -2.740  1.00 47.91 ? 52  ILE A CD1 1 
ATOM   365 N N   . LEU A 1 56  ? 4.068   -0.749  -2.521  1.00 27.59 ? 53  LEU A N   1 
ATOM   366 C CA  . LEU A 1 56  ? 4.889   0.335   -1.989  1.00 27.69 ? 53  LEU A CA  1 
ATOM   367 C C   . LEU A 1 56  ? 4.587   0.585   -0.517  1.00 25.74 ? 53  LEU A C   1 
ATOM   368 O O   . LEU A 1 56  ? 3.491   0.291   -0.043  1.00 26.97 ? 53  LEU A O   1 
ATOM   369 C CB  . LEU A 1 56  ? 4.603   1.626   -2.775  1.00 25.22 ? 53  LEU A CB  1 
ATOM   370 C CG  . LEU A 1 56  ? 4.450   1.527   -4.303  1.00 30.25 ? 53  LEU A CG  1 
ATOM   371 C CD1 . LEU A 1 56  ? 4.166   2.893   -4.900  1.00 29.68 ? 53  LEU A CD1 1 
ATOM   372 C CD2 . LEU A 1 56  ? 5.695   0.958   -4.905  1.00 34.88 ? 53  LEU A CD2 1 
ATOM   373 N N   . LYS A 1 57  ? 5.566   1.134   0.194   1.00 25.62 ? 54  LYS A N   1 
ATOM   374 C CA  . LYS A 1 57  ? 5.403   1.475   1.602   1.00 26.34 ? 54  LYS A CA  1 
ATOM   375 C C   . LYS A 1 57  ? 5.618   2.964   1.804   1.00 26.11 ? 54  LYS A C   1 
ATOM   376 O O   . LYS A 1 57  ? 6.543   3.542   1.238   1.00 23.82 ? 54  LYS A O   1 
ATOM   377 C CB  . LYS A 1 57  ? 6.401   0.735   2.497   1.00 26.68 ? 54  LYS A CB  1 
ATOM   378 C CG  . LYS A 1 57  ? 6.022   -0.678  2.879   1.00 41.54 ? 54  LYS A CG  1 
ATOM   379 C CD  . LYS A 1 57  ? 6.962   -1.186  3.970   1.00 47.76 ? 54  LYS A CD  1 
ATOM   380 C CE  . LYS A 1 57  ? 6.679   -2.638  4.352   1.00 60.59 ? 54  LYS A CE  1 
ATOM   381 N NZ  . LYS A 1 57  ? 5.302   -2.851  4.877   1.00 60.91 ? 54  LYS A NZ  1 
ATOM   382 N N   . LEU A 1 58  ? 4.763   3.582   2.614   1.00 25.92 ? 55  LEU A N   1 
ATOM   383 C CA  . LEU A 1 58  ? 4.896   5.004   2.909   1.00 25.15 ? 55  LEU A CA  1 
ATOM   384 C C   . LEU A 1 58  ? 4.730   5.236   4.416   1.00 26.65 ? 55  LEU A C   1 
ATOM   385 O O   . LEU A 1 58  ? 3.655   5.024   4.966   1.00 22.30 ? 55  LEU A O   1 
ATOM   386 C CB  . LEU A 1 58  ? 3.873   5.825   2.111   1.00 22.72 ? 55  LEU A CB  1 
ATOM   387 C CG  . LEU A 1 58  ? 3.952   7.344   2.367   1.00 28.92 ? 55  LEU A CG  1 
ATOM   388 C CD1 . LEU A 1 58  ? 3.758   8.115   1.086   1.00 25.22 ? 55  LEU A CD1 1 
ATOM   389 C CD2 . LEU A 1 58  ? 2.937   7.743   3.434   1.00 22.17 ? 55  LEU A CD2 1 
ATOM   390 N N   . ASP A 1 59  ? 5.820   5.635   5.072   1.00 24.09 ? 56  ASP A N   1 
ATOM   391 C CA  . ASP A 1 59  ? 5.833   5.902   6.512   1.00 24.62 ? 56  ASP A CA  1 
ATOM   392 C C   . ASP A 1 59  ? 5.040   7.190   6.770   1.00 29.57 ? 56  ASP A C   1 
ATOM   393 O O   . ASP A 1 59  ? 5.468   8.263   6.343   1.00 29.23 ? 56  ASP A O   1 
ATOM   394 C CB  . ASP A 1 59  ? 7.280   6.084   6.990   1.00 25.21 ? 56  ASP A CB  1 
ATOM   395 C CG  . ASP A 1 59  ? 7.375   6.333   8.491   1.00 25.90 ? 56  ASP A CG  1 
ATOM   396 O OD1 . ASP A 1 59  ? 6.592   7.145   9.014   1.00 33.36 ? 56  ASP A OD1 1 
ATOM   397 O OD2 . ASP A 1 59  ? 8.244   5.731   9.147   1.00 36.87 ? 56  ASP A OD2 1 
ATOM   398 N N   . VAL A 1 60  ? 3.912   7.107   7.483   1.00 25.16 ? 57  VAL A N   1 
ATOM   399 C CA  . VAL A 1 60  ? 3.111   8.314   7.708   1.00 25.81 ? 57  VAL A CA  1 
ATOM   400 C C   . VAL A 1 60  ? 3.723   9.390   8.608   1.00 24.72 ? 57  VAL A C   1 
ATOM   401 O O   . VAL A 1 60  ? 3.319   10.542  8.521   1.00 26.42 ? 57  VAL A O   1 
ATOM   402 C CB  . VAL A 1 60  ? 1.673   7.986   8.234   1.00 24.83 ? 57  VAL A CB  1 
ATOM   403 C CG1 . VAL A 1 60  ? 0.987   7.005   7.283   1.00 27.14 ? 57  VAL A CG1 1 
ATOM   404 C CG2 . VAL A 1 60  ? 1.722   7.439   9.665   1.00 19.29 ? 57  VAL A CG2 1 
ATOM   405 N N   . ASP A 1 61  ? 4.680   9.043   9.469   1.00 24.86 ? 58  ASP A N   1 
ATOM   406 C CA  . ASP A 1 61  ? 5.285   10.074  10.313  1.00 27.24 ? 58  ASP A CA  1 
ATOM   407 C C   . ASP A 1 61  ? 6.222   10.959  9.497   1.00 30.23 ? 58  ASP A C   1 
ATOM   408 O O   . ASP A 1 61  ? 6.263   12.172  9.685   1.00 30.50 ? 58  ASP A O   1 
ATOM   409 C CB  . ASP A 1 61  ? 6.067   9.481   11.494  1.00 29.40 ? 58  ASP A CB  1 
ATOM   410 C CG  . ASP A 1 61  ? 5.177   8.763   12.488  1.00 30.23 ? 58  ASP A CG  1 
ATOM   411 O OD1 . ASP A 1 61  ? 4.067   9.252   12.766  1.00 37.87 ? 58  ASP A OD1 1 
ATOM   412 O OD2 . ASP A 1 61  ? 5.595   7.720   13.013  1.00 37.76 ? 58  ASP A OD2 1 
ATOM   413 N N   . GLU A 1 62  ? 6.969   10.352  8.582   1.00 29.53 ? 59  GLU A N   1 
ATOM   414 C CA  . GLU A 1 62  ? 7.903   11.112  7.757   1.00 29.51 ? 59  GLU A CA  1 
ATOM   415 C C   . GLU A 1 62  ? 7.266   11.719  6.514   1.00 30.75 ? 59  GLU A C   1 
ATOM   416 O O   . GLU A 1 62  ? 7.884   12.575  5.870   1.00 27.99 ? 59  GLU A O   1 
ATOM   417 C CB  . GLU A 1 62  ? 9.072   10.216  7.330   1.00 33.97 ? 59  GLU A CB  1 
ATOM   418 C CG  . GLU A 1 62  ? 9.857   9.622   8.490   1.00 34.26 ? 59  GLU A CG  1 
ATOM   419 N N   . ASN A 1 63  ? 6.048   11.283  6.171   1.00 24.84 ? 60  ASN A N   1 
ATOM   420 C CA  . ASN A 1 63  ? 5.340   11.790  4.986   1.00 25.46 ? 60  ASN A CA  1 
ATOM   421 C C   . ASN A 1 63  ? 3.876   12.125  5.296   1.00 29.85 ? 60  ASN A C   1 
ATOM   422 O O   . ASN A 1 63  ? 2.959   11.526  4.736   1.00 26.19 ? 60  ASN A O   1 
ATOM   423 C CB  . ASN A 1 63  ? 5.388   10.742  3.873   1.00 24.86 ? 60  ASN A CB  1 
ATOM   424 C CG  . ASN A 1 63  ? 6.798   10.337  3.528   1.00 27.77 ? 60  ASN A CG  1 
ATOM   425 O OD1 . ASN A 1 63  ? 7.534   11.094  2.895   1.00 29.85 ? 60  ASN A OD1 1 
ATOM   426 N ND2 . ASN A 1 63  ? 7.200   9.147   3.972   1.00 28.64 ? 60  ASN A ND2 1 
ATOM   427 N N   . PRO A 1 64  ? 3.640   13.104  6.181   1.00 35.13 ? 61  PRO A N   1 
ATOM   428 C CA  . PRO A 1 64  ? 2.297   13.529  6.586   1.00 29.39 ? 61  PRO A CA  1 
ATOM   429 C C   . PRO A 1 64  ? 1.358   14.065  5.497   1.00 31.33 ? 61  PRO A C   1 
ATOM   430 O O   . PRO A 1 64  ? 0.151   13.837  5.557   1.00 34.10 ? 61  PRO A O   1 
ATOM   431 C CB  . PRO A 1 64  ? 2.597   14.572  7.664   1.00 36.35 ? 61  PRO A CB  1 
ATOM   432 C CG  . PRO A 1 64  ? 3.877   15.186  7.153   1.00 40.91 ? 61  PRO A CG  1 
ATOM   433 C CD  . PRO A 1 64  ? 4.651   13.904  6.893   1.00 35.33 ? 61  PRO A CD  1 
ATOM   434 N N   . SER A 1 65  ? 1.888   14.764  4.502   1.00 29.86 ? 62  SER A N   1 
ATOM   435 C CA  . SER A 1 65  ? 1.025   15.324  3.467   1.00 35.42 ? 62  SER A CA  1 
ATOM   436 C C   . SER A 1 65  ? 0.334   14.302  2.567   1.00 32.76 ? 62  SER A C   1 
ATOM   437 O O   . SER A 1 65  ? -0.830  14.488  2.216   1.00 35.22 ? 62  SER A O   1 
ATOM   438 C CB  . SER A 1 65  ? 1.797   16.336  2.622   1.00 26.22 ? 62  SER A CB  1 
ATOM   439 O OG  . SER A 1 65  ? 2.981   15.755  2.135   1.00 50.24 ? 62  SER A OG  1 
ATOM   440 N N   . THR A 1 66  ? 1.034   13.236  2.182   1.00 32.95 ? 63  THR A N   1 
ATOM   441 C CA  . THR A 1 66  ? 0.412   12.218  1.343   1.00 26.88 ? 63  THR A CA  1 
ATOM   442 C C   . THR A 1 66  ? -0.652  11.497  2.161   1.00 22.12 ? 63  THR A C   1 
ATOM   443 O O   . THR A 1 66  ? -1.703  11.142  1.642   1.00 23.06 ? 63  THR A O   1 
ATOM   444 C CB  . THR A 1 66  ? 1.435   11.184  0.832   1.00 29.33 ? 63  THR A CB  1 
ATOM   445 O OG1 . THR A 1 66  ? 2.376   11.835  -0.021  1.00 26.35 ? 63  THR A OG1 1 
ATOM   446 C CG2 . THR A 1 66  ? 0.739   10.074  0.046   1.00 24.98 ? 63  THR A CG2 1 
ATOM   447 N N   . ALA A 1 67  ? -0.375  11.292  3.445   1.00 21.66 ? 64  ALA A N   1 
ATOM   448 C CA  . ALA A 1 67  ? -1.330  10.626  4.322   1.00 26.56 ? 64  ALA A CA  1 
ATOM   449 C C   . ALA A 1 67  ? -2.579  11.490  4.463   1.00 29.18 ? 64  ALA A C   1 
ATOM   450 O O   . ALA A 1 67  ? -3.699  10.980  4.453   1.00 28.55 ? 64  ALA A O   1 
ATOM   451 C CB  . ALA A 1 67  ? -0.709  10.380  5.693   1.00 23.15 ? 64  ALA A CB  1 
ATOM   452 N N   . ALA A 1 68  ? -2.383  12.801  4.595   1.00 28.56 ? 65  ALA A N   1 
ATOM   453 C CA  . ALA A 1 68  ? -3.506  13.717  4.745   1.00 28.40 ? 65  ALA A CA  1 
ATOM   454 C C   . ALA A 1 68  ? -4.301  13.785  3.449   1.00 30.80 ? 65  ALA A C   1 
ATOM   455 O O   . ALA A 1 68  ? -5.529  13.807  3.465   1.00 26.84 ? 65  ALA A O   1 
ATOM   456 C CB  . ALA A 1 68  ? -3.005  15.109  5.128   1.00 30.91 ? 65  ALA A CB  1 
ATOM   457 N N   . LYS A 1 69  ? -3.592  13.806  2.325   1.00 29.78 ? 66  LYS A N   1 
ATOM   458 C CA  . LYS A 1 69  ? -4.245  13.888  1.029   1.00 30.84 ? 66  LYS A CA  1 
ATOM   459 C C   . LYS A 1 69  ? -5.262  12.769  0.793   1.00 36.16 ? 66  LYS A C   1 
ATOM   460 O O   . LYS A 1 69  ? -6.336  13.017  0.235   1.00 33.48 ? 66  LYS A O   1 
ATOM   461 C CB  . LYS A 1 69  ? -3.209  13.882  -0.092  1.00 29.50 ? 66  LYS A CB  1 
ATOM   462 C CG  . LYS A 1 69  ? -3.826  14.005  -1.468  1.00 37.80 ? 66  LYS A CG  1 
ATOM   463 C CD  . LYS A 1 69  ? -2.797  13.942  -2.567  1.00 45.62 ? 66  LYS A CD  1 
ATOM   464 C CE  . LYS A 1 69  ? -3.478  14.023  -3.924  1.00 53.54 ? 66  LYS A CE  1 
ATOM   465 N NZ  . LYS A 1 69  ? -2.505  13.915  -5.046  1.00 66.37 ? 66  LYS A NZ  1 
ATOM   466 N N   . TYR A 1 70  ? -4.940  11.546  1.217   1.00 32.00 ? 67  TYR A N   1 
ATOM   467 C CA  . TYR A 1 70  ? -5.865  10.435  1.013   1.00 31.53 ? 67  TYR A CA  1 
ATOM   468 C C   . TYR A 1 70  ? -6.703  10.050  2.218   1.00 27.53 ? 67  TYR A C   1 
ATOM   469 O O   . TYR A 1 70  ? -7.179  8.923   2.313   1.00 30.79 ? 67  TYR A O   1 
ATOM   470 C CB  . TYR A 1 70  ? -5.137  9.200   0.466   1.00 21.50 ? 67  TYR A CB  1 
ATOM   471 C CG  . TYR A 1 70  ? -4.538  9.446   -0.890  1.00 29.20 ? 67  TYR A CG  1 
ATOM   472 C CD1 . TYR A 1 70  ? -3.211  9.850   -1.025  1.00 24.77 ? 67  TYR A CD1 1 
ATOM   473 C CD2 . TYR A 1 70  ? -5.326  9.373   -2.042  1.00 27.87 ? 67  TYR A CD2 1 
ATOM   474 C CE1 . TYR A 1 70  ? -2.683  10.181  -2.270  1.00 28.16 ? 67  TYR A CE1 1 
ATOM   475 C CE2 . TYR A 1 70  ? -4.805  9.707   -3.294  1.00 34.51 ? 67  TYR A CE2 1 
ATOM   476 C CZ  . TYR A 1 70  ? -3.483  10.111  -3.397  1.00 29.70 ? 67  TYR A CZ  1 
ATOM   477 O OH  . TYR A 1 70  ? -2.962  10.460  -4.621  1.00 35.74 ? 67  TYR A OH  1 
ATOM   478 N N   . GLU A 1 71  ? -6.882  10.994  3.131   1.00 33.47 ? 68  GLU A N   1 
ATOM   479 C CA  . GLU A 1 71  ? -7.708  10.781  4.317   1.00 36.65 ? 68  GLU A CA  1 
ATOM   480 C C   . GLU A 1 71  ? -7.312  9.567   5.160   1.00 35.85 ? 68  GLU A C   1 
ATOM   481 O O   . GLU A 1 71  ? -8.186  8.882   5.695   1.00 34.78 ? 68  GLU A O   1 
ATOM   482 C CB  . GLU A 1 71  ? -9.178  10.611  3.905   1.00 35.43 ? 68  GLU A CB  1 
ATOM   483 C CG  . GLU A 1 71  ? -9.780  11.710  3.022   1.00 47.55 ? 68  GLU A CG  1 
ATOM   484 C CD  . GLU A 1 71  ? -9.962  13.035  3.735   1.00 50.71 ? 68  GLU A CD  1 
ATOM   485 O OE1 . GLU A 1 71  ? -10.429 13.027  4.894   1.00 64.51 ? 68  GLU A OE1 1 
ATOM   486 O OE2 . GLU A 1 71  ? -9.671  14.090  3.129   1.00 56.59 ? 68  GLU A OE2 1 
ATOM   487 N N   . VAL A 1 72  ? -6.018  9.290   5.283   1.00 32.95 ? 69  VAL A N   1 
ATOM   488 C CA  . VAL A 1 72  ? -5.582  8.150   6.086   1.00 34.61 ? 69  VAL A CA  1 
ATOM   489 C C   . VAL A 1 72  ? -5.602  8.534   7.564   1.00 36.31 ? 69  VAL A C   1 
ATOM   490 O O   . VAL A 1 72  ? -4.707  9.223   8.047   1.00 37.47 ? 69  VAL A O   1 
ATOM   491 C CB  . VAL A 1 72  ? -4.161  7.690   5.682   1.00 34.30 ? 69  VAL A CB  1 
ATOM   492 C CG1 . VAL A 1 72  ? -3.674  6.587   6.618   1.00 24.66 ? 69  VAL A CG1 1 
ATOM   493 C CG2 . VAL A 1 72  ? -4.182  7.182   4.245   1.00 31.14 ? 69  VAL A CG2 1 
ATOM   494 N N   . MET A 1 73  ? -6.624  8.076   8.280   1.00 38.67 ? 70  MET A N   1 
ATOM   495 C CA  . MET A 1 73  ? -6.769  8.404   9.695   1.00 47.08 ? 70  MET A CA  1 
ATOM   496 C C   . MET A 1 73  ? -6.246  7.322   10.631  1.00 46.36 ? 70  MET A C   1 
ATOM   497 O O   . MET A 1 73  ? -5.660  7.621   11.669  1.00 51.08 ? 70  MET A O   1 
ATOM   498 C CB  . MET A 1 73  ? -8.240  8.685   10.016  1.00 54.04 ? 70  MET A CB  1 
ATOM   499 C CG  . MET A 1 73  ? -8.871  9.752   9.131   1.00 62.78 ? 70  MET A CG  1 
ATOM   500 S SD  . MET A 1 73  ? -7.965  11.319  9.162   1.00 76.00 ? 70  MET A SD  1 
ATOM   501 C CE  . MET A 1 73  ? -8.949  12.306  8.015   1.00 68.34 ? 70  MET A CE  1 
ATOM   502 N N   . SER A 1 74  ? -6.470  6.064   10.277  1.00 38.91 ? 71  SER A N   1 
ATOM   503 C CA  . SER A 1 74  ? -6.000  4.967   11.106  1.00 37.49 ? 71  SER A CA  1 
ATOM   504 C C   . SER A 1 74  ? -5.108  4.049   10.275  1.00 36.24 ? 71  SER A C   1 
ATOM   505 O O   . SER A 1 74  ? -5.286  3.929   9.068   1.00 33.43 ? 71  SER A O   1 
ATOM   506 C CB  . SER A 1 74  ? -7.189  4.176   11.657  1.00 37.84 ? 71  SER A CB  1 
ATOM   507 N N   . ILE A 1 75  ? -4.132  3.421   10.916  1.00 28.88 ? 72  ILE A N   1 
ATOM   508 C CA  . ILE A 1 75  ? -3.258  2.507   10.202  1.00 31.33 ? 72  ILE A CA  1 
ATOM   509 C C   . ILE A 1 75  ? -3.182  1.180   10.940  1.00 28.89 ? 72  ILE A C   1 
ATOM   510 O O   . ILE A 1 75  ? -3.410  1.118   12.142  1.00 26.78 ? 72  ILE A O   1 
ATOM   511 C CB  . ILE A 1 75  ? -1.826  3.067   10.031  1.00 31.05 ? 72  ILE A CB  1 
ATOM   512 C CG1 . ILE A 1 75  ? -1.196  3.341   11.396  1.00 25.68 ? 72  ILE A CG1 1 
ATOM   513 C CG2 . ILE A 1 75  ? -1.865  4.317   9.144   1.00 35.96 ? 72  ILE A CG2 1 
ATOM   514 C CD1 . ILE A 1 75  ? 0.272   3.762   11.322  1.00 23.64 ? 72  ILE A CD1 1 
ATOM   515 N N   . PRO A 1 76  ? -2.836  0.103   10.223  1.00 28.11 ? 73  PRO A N   1 
ATOM   516 C CA  . PRO A 1 76  ? -2.530  0.130   8.793   1.00 26.29 ? 73  PRO A CA  1 
ATOM   517 C C   . PRO A 1 76  ? -3.716  0.419   7.858   1.00 30.47 ? 73  PRO A C   1 
ATOM   518 O O   . PRO A 1 76  ? -4.870  0.139   8.185   1.00 26.26 ? 73  PRO A O   1 
ATOM   519 C CB  . PRO A 1 76  ? -1.961  -1.262  8.560   1.00 29.58 ? 73  PRO A CB  1 
ATOM   520 C CG  . PRO A 1 76  ? -2.810  -2.095  9.495   1.00 27.29 ? 73  PRO A CG  1 
ATOM   521 C CD  . PRO A 1 76  ? -2.660  -1.262  10.751  1.00 30.90 ? 73  PRO A CD  1 
ATOM   522 N N   . THR A 1 77  ? -3.409  1.002   6.701   1.00 26.29 ? 74  THR A N   1 
ATOM   523 C CA  . THR A 1 77  ? -4.406  1.266   5.668   1.00 22.48 ? 74  THR A CA  1 
ATOM   524 C C   . THR A 1 77  ? -3.696  0.924   4.373   1.00 25.59 ? 74  THR A C   1 
ATOM   525 O O   . THR A 1 77  ? -2.557  1.346   4.146   1.00 25.47 ? 74  THR A O   1 
ATOM   526 C CB  . THR A 1 77  ? -4.864  2.746   5.589   1.00 27.86 ? 74  THR A CB  1 
ATOM   527 O OG1 . THR A 1 77  ? -5.639  3.085   6.743   1.00 21.42 ? 74  THR A OG1 1 
ATOM   528 C CG2 . THR A 1 77  ? -5.722  2.968   4.350   1.00 21.94 ? 74  THR A CG2 1 
ATOM   529 N N   . LEU A 1 78  ? -4.358  0.140   3.534   1.00 18.81 ? 75  LEU A N   1 
ATOM   530 C CA  . LEU A 1 78  ? -3.799  -0.251  2.258   1.00 20.73 ? 75  LEU A CA  1 
ATOM   531 C C   . LEU A 1 78  ? -4.729  0.345   1.222   1.00 21.49 ? 75  LEU A C   1 
ATOM   532 O O   . LEU A 1 78  ? -5.948  0.191   1.313   1.00 21.19 ? 75  LEU A O   1 
ATOM   533 C CB  . LEU A 1 78  ? -3.777  -1.779  2.138   1.00 21.27 ? 75  LEU A CB  1 
ATOM   534 C CG  . LEU A 1 78  ? -3.010  -2.548  3.224   1.00 26.26 ? 75  LEU A CG  1 
ATOM   535 C CD1 . LEU A 1 78  ? -3.253  -4.040  3.059   1.00 38.16 ? 75  LEU A CD1 1 
ATOM   536 C CD2 . LEU A 1 78  ? -1.536  -2.245  3.129   1.00 24.45 ? 75  LEU A CD2 1 
ATOM   537 N N   . ILE A 1 79  ? -4.162  1.055   0.254   1.00 21.94 ? 76  ILE A N   1 
ATOM   538 C CA  . ILE A 1 79  ? -4.974  1.656   -0.791  1.00 18.28 ? 76  ILE A CA  1 
ATOM   539 C C   . ILE A 1 79  ? -4.519  1.167   -2.148  1.00 20.86 ? 76  ILE A C   1 
ATOM   540 O O   . ILE A 1 79  ? -3.330  1.217   -2.469  1.00 20.72 ? 76  ILE A O   1 
ATOM   541 C CB  . ILE A 1 79  ? -4.889  3.196   -0.753  1.00 20.50 ? 76  ILE A CB  1 
ATOM   542 C CG1 . ILE A 1 79  ? -5.481  3.695   0.569   1.00 20.32 ? 76  ILE A CG1 1 
ATOM   543 C CG2 . ILE A 1 79  ? -5.613  3.805   -1.972  1.00 17.08 ? 76  ILE A CG2 1 
ATOM   544 C CD1 . ILE A 1 79  ? -5.550  5.216   0.703   1.00 24.52 ? 76  ILE A CD1 1 
ATOM   545 N N   . VAL A 1 80  ? -5.465  0.674   -2.937  1.00 19.98 ? 77  VAL A N   1 
ATOM   546 C CA  . VAL A 1 80  ? -5.149  0.201   -4.273  1.00 19.98 ? 77  VAL A CA  1 
ATOM   547 C C   . VAL A 1 80  ? -5.287  1.362   -5.252  1.00 26.15 ? 77  VAL A C   1 
ATOM   548 O O   . VAL A 1 80  ? -6.307  2.054   -5.259  1.00 23.49 ? 77  VAL A O   1 
ATOM   549 C CB  . VAL A 1 80  ? -6.107  -0.922  -4.710  1.00 25.39 ? 77  VAL A CB  1 
ATOM   550 C CG1 . VAL A 1 80  ? -5.756  -1.382  -6.112  1.00 20.41 ? 77  VAL A CG1 1 
ATOM   551 C CG2 . VAL A 1 80  ? -6.039  -2.091  -3.715  1.00 19.62 ? 77  VAL A CG2 1 
ATOM   552 N N   . PHE A 1 81  ? -4.249  1.595   -6.053  1.00 26.46 ? 78  PHE A N   1 
ATOM   553 C CA  . PHE A 1 81  ? -4.279  2.651   -7.058  1.00 27.52 ? 78  PHE A CA  1 
ATOM   554 C C   . PHE A 1 81  ? -4.271  2.033   -8.458  1.00 32.90 ? 78  PHE A C   1 
ATOM   555 O O   . PHE A 1 81  ? -3.694  0.968   -8.672  1.00 29.49 ? 78  PHE A O   1 
ATOM   556 C CB  . PHE A 1 81  ? -3.063  3.588   -6.953  1.00 20.19 ? 78  PHE A CB  1 
ATOM   557 C CG  . PHE A 1 81  ? -3.111  4.554   -5.797  1.00 27.59 ? 78  PHE A CG  1 
ATOM   558 C CD1 . PHE A 1 81  ? -2.810  4.141   -4.502  1.00 27.02 ? 78  PHE A CD1 1 
ATOM   559 C CD2 . PHE A 1 81  ? -3.458  5.892   -6.009  1.00 23.88 ? 78  PHE A CD2 1 
ATOM   560 C CE1 . PHE A 1 81  ? -2.850  5.052   -3.432  1.00 28.15 ? 78  PHE A CE1 1 
ATOM   561 C CE2 . PHE A 1 81  ? -3.502  6.803   -4.949  1.00 24.68 ? 78  PHE A CE2 1 
ATOM   562 C CZ  . PHE A 1 81  ? -3.196  6.378   -3.656  1.00 19.12 ? 78  PHE A CZ  1 
ATOM   563 N N   . LYS A 1 82  ? -4.915  2.706   -9.406  1.00 30.73 ? 79  LYS A N   1 
ATOM   564 C CA  . LYS A 1 82  ? -4.932  2.251   -10.792 1.00 30.92 ? 79  LYS A CA  1 
ATOM   565 C C   . LYS A 1 82  ? -4.807  3.508   -11.639 1.00 31.07 ? 79  LYS A C   1 
ATOM   566 O O   . LYS A 1 82  ? -5.683  4.371   -11.620 1.00 32.42 ? 79  LYS A O   1 
ATOM   567 C CB  . LYS A 1 82  ? -6.229  1.506   -11.131 1.00 33.46 ? 79  LYS A CB  1 
ATOM   568 C CG  . LYS A 1 82  ? -6.183  0.838   -12.505 1.00 33.36 ? 79  LYS A CG  1 
ATOM   569 C CD  . LYS A 1 82  ? -7.407  -0.013  -12.782 1.00 40.34 ? 79  LYS A CD  1 
ATOM   570 C CE  . LYS A 1 82  ? -7.295  -0.702  -14.143 1.00 43.17 ? 79  LYS A CE  1 
ATOM   571 N N   . ASP A 1 83  ? -3.696  3.612   -12.359 1.00 33.84 ? 80  ASP A N   1 
ATOM   572 C CA  . ASP A 1 83  ? -3.409  4.768   -13.198 1.00 34.85 ? 80  ASP A CA  1 
ATOM   573 C C   . ASP A 1 83  ? -3.507  6.066   -12.409 1.00 35.73 ? 80  ASP A C   1 
ATOM   574 O O   . ASP A 1 83  ? -4.181  7.008   -12.820 1.00 36.30 ? 80  ASP A O   1 
ATOM   575 C CB  . ASP A 1 83  ? -4.352  4.822   -14.405 1.00 34.09 ? 80  ASP A CB  1 
ATOM   576 C CG  . ASP A 1 83  ? -4.186  3.628   -15.331 1.00 44.14 ? 80  ASP A CG  1 
ATOM   577 O OD1 . ASP A 1 83  ? -3.032  3.314   -15.705 1.00 39.92 ? 80  ASP A OD1 1 
ATOM   578 O OD2 . ASP A 1 83  ? -5.213  3.016   -15.696 1.00 51.87 ? 80  ASP A OD2 1 
ATOM   579 N N   . GLY A 1 84  ? -2.843  6.096   -11.259 1.00 34.78 ? 81  GLY A N   1 
ATOM   580 C CA  . GLY A 1 84  ? -2.836  7.291   -10.435 1.00 32.33 ? 81  GLY A CA  1 
ATOM   581 C C   . GLY A 1 84  ? -4.079  7.628   -9.631  1.00 30.19 ? 81  GLY A C   1 
ATOM   582 O O   . GLY A 1 84  ? -4.106  8.652   -8.952  1.00 34.72 ? 81  GLY A O   1 
ATOM   583 N N   . GLN A 1 85  ? -5.113  6.798   -9.699  1.00 30.73 ? 82  GLN A N   1 
ATOM   584 C CA  . GLN A 1 85  ? -6.335  7.076   -8.938  1.00 27.85 ? 82  GLN A CA  1 
ATOM   585 C C   . GLN A 1 85  ? -6.654  5.962   -7.938  1.00 25.60 ? 82  GLN A C   1 
ATOM   586 O O   . GLN A 1 85  ? -6.568  4.773   -8.257  1.00 24.45 ? 82  GLN A O   1 
ATOM   587 C CB  . GLN A 1 85  ? -7.533  7.251   -9.883  1.00 27.26 ? 82  GLN A CB  1 
ATOM   588 C CG  . GLN A 1 85  ? -7.494  8.469   -10.810 1.00 23.86 ? 82  GLN A CG  1 
ATOM   589 C CD  . GLN A 1 85  ? -7.682  9.789   -10.073 1.00 35.65 ? 82  GLN A CD  1 
ATOM   590 O OE1 . GLN A 1 85  ? -8.582  9.929   -9.239  1.00 30.73 ? 82  GLN A OE1 1 
ATOM   591 N NE2 . GLN A 1 85  ? -6.851  10.771  -10.396 1.00 33.25 ? 82  GLN A NE2 1 
ATOM   592 N N   . PRO A 1 86  ? -7.009  6.335   -6.705  1.00 24.35 ? 83  PRO A N   1 
ATOM   593 C CA  . PRO A 1 86  ? -7.339  5.335   -5.686  1.00 26.57 ? 83  PRO A CA  1 
ATOM   594 C C   . PRO A 1 86  ? -8.673  4.669   -6.047  1.00 29.62 ? 83  PRO A C   1 
ATOM   595 O O   . PRO A 1 86  ? -9.672  5.355   -6.261  1.00 27.62 ? 83  PRO A O   1 
ATOM   596 C CB  . PRO A 1 86  ? -7.423  6.176   -4.418  1.00 21.86 ? 83  PRO A CB  1 
ATOM   597 C CG  . PRO A 1 86  ? -7.995  7.490   -4.962  1.00 31.62 ? 83  PRO A CG  1 
ATOM   598 C CD  . PRO A 1 86  ? -7.070  7.694   -6.138  1.00 24.63 ? 83  PRO A CD  1 
ATOM   599 N N   . VAL A 1 87  ? -8.686  3.341   -6.135  1.00 27.09 ? 84  VAL A N   1 
ATOM   600 C CA  . VAL A 1 87  ? -9.908  2.627   -6.483  1.00 27.96 ? 84  VAL A CA  1 
ATOM   601 C C   . VAL A 1 87  ? -10.425 1.680   -5.401  1.00 31.33 ? 84  VAL A C   1 
ATOM   602 O O   . VAL A 1 87  ? -11.541 1.178   -5.516  1.00 31.02 ? 84  VAL A O   1 
ATOM   603 C CB  . VAL A 1 87  ? -9.747  1.820   -7.803  1.00 27.24 ? 84  VAL A CB  1 
ATOM   604 C CG1 . VAL A 1 87  ? -9.411  2.764   -8.957  1.00 30.40 ? 84  VAL A CG1 1 
ATOM   605 C CG2 . VAL A 1 87  ? -8.674  0.761   -7.647  1.00 18.55 ? 84  VAL A CG2 1 
ATOM   606 N N   . ASP A 1 88  ? -9.634  1.435   -4.359  1.00 27.63 ? 85  ASP A N   1 
ATOM   607 C CA  . ASP A 1 88  ? -10.069 0.538   -3.280  1.00 29.96 ? 85  ASP A CA  1 
ATOM   608 C C   . ASP A 1 88  ? -9.252  0.776   -2.005  1.00 27.51 ? 85  ASP A C   1 
ATOM   609 O O   . ASP A 1 88  ? -8.163  1.342   -2.057  1.00 25.94 ? 85  ASP A O   1 
ATOM   610 C CB  . ASP A 1 88  ? -9.913  -0.924  -3.698  1.00 29.57 ? 85  ASP A CB  1 
ATOM   611 C CG  . ASP A 1 88  ? -11.113 -1.778  -3.308  1.00 39.98 ? 85  ASP A CG  1 
ATOM   612 O OD1 . ASP A 1 88  ? -11.640 -1.622  -2.180  1.00 36.54 ? 85  ASP A OD1 1 
ATOM   613 O OD2 . ASP A 1 88  ? -11.516 -2.624  -4.131  1.00 37.59 ? 85  ASP A OD2 1 
ATOM   614 N N   . LYS A 1 89  ? -9.775  0.325   -0.871  1.00 30.42 ? 86  LYS A N   1 
ATOM   615 C CA  . LYS A 1 89  ? -9.103  0.519   0.408   1.00 29.48 ? 86  LYS A CA  1 
ATOM   616 C C   . LYS A 1 89  ? -9.391  -0.595  1.409   1.00 33.23 ? 86  LYS A C   1 
ATOM   617 O O   . LYS A 1 89  ? -10.519 -1.076  1.516   1.00 36.49 ? 86  LYS A O   1 
ATOM   618 C CB  . LYS A 1 89  ? -9.534  1.857   1.006   1.00 33.90 ? 86  LYS A CB  1 
ATOM   619 C CG  . LYS A 1 89  ? -8.935  2.183   2.364   1.00 44.02 ? 86  LYS A CG  1 
ATOM   620 C CD  . LYS A 1 89  ? -9.342  3.579   2.824   1.00 44.10 ? 86  LYS A CD  1 
ATOM   621 C CE  . LYS A 1 89  ? -10.852 3.699   2.967   1.00 49.28 ? 86  LYS A CE  1 
ATOM   622 N N   . VAL A 1 90  ? -8.360  -0.994  2.144   1.00 33.33 ? 87  VAL A N   1 
ATOM   623 C CA  . VAL A 1 90  ? -8.483  -2.033  3.155   1.00 32.55 ? 87  VAL A CA  1 
ATOM   624 C C   . VAL A 1 90  ? -7.874  -1.530  4.464   1.00 33.24 ? 87  VAL A C   1 
ATOM   625 O O   . VAL A 1 90  ? -6.790  -0.947  4.470   1.00 28.13 ? 87  VAL A O   1 
ATOM   626 C CB  . VAL A 1 90  ? -7.763  -3.316  2.710   1.00 36.19 ? 87  VAL A CB  1 
ATOM   627 C CG1 . VAL A 1 90  ? -7.793  -4.338  3.817   1.00 48.09 ? 87  VAL A CG1 1 
ATOM   628 C CG2 . VAL A 1 90  ? -8.432  -3.874  1.474   1.00 40.86 ? 87  VAL A CG2 1 
ATOM   629 N N   . VAL A 1 91  ? -8.586  -1.756  5.564   1.00 30.87 ? 88  VAL A N   1 
ATOM   630 C CA  . VAL A 1 91  ? -8.149  -1.329  6.888   1.00 30.19 ? 88  VAL A CA  1 
ATOM   631 C C   . VAL A 1 91  ? -7.895  -2.540  7.795   1.00 31.94 ? 88  VAL A C   1 
ATOM   632 O O   . VAL A 1 91  ? -8.482  -3.600  7.590   1.00 34.33 ? 88  VAL A O   1 
ATOM   633 C CB  . VAL A 1 91  ? -9.219  -0.416  7.522   1.00 36.17 ? 88  VAL A CB  1 
ATOM   634 C CG1 . VAL A 1 91  ? -8.799  0.011   8.907   1.00 44.88 ? 88  VAL A CG1 1 
ATOM   635 C CG2 . VAL A 1 91  ? -9.428  0.808   6.642   1.00 40.21 ? 88  VAL A CG2 1 
ATOM   636 N N   . GLY A 1 92  ? -7.006  -2.387  8.775   1.00 32.24 ? 89  GLY A N   1 
ATOM   637 C CA  . GLY A 1 92  ? -6.708  -3.479  9.697   1.00 27.49 ? 89  GLY A CA  1 
ATOM   638 C C   . GLY A 1 92  ? -5.903  -4.635  9.120   1.00 30.60 ? 89  GLY A C   1 
ATOM   639 O O   . GLY A 1 92  ? -5.426  -4.563  7.987   1.00 30.32 ? 89  GLY A O   1 
ATOM   640 N N   . PHE A 1 93  ? -5.742  -5.699  9.910   1.00 26.25 ? 90  PHE A N   1 
ATOM   641 C CA  . PHE A 1 93  ? -5.002  -6.885  9.486   1.00 26.71 ? 90  PHE A CA  1 
ATOM   642 C C   . PHE A 1 93  ? -5.830  -7.667  8.461   1.00 26.72 ? 90  PHE A C   1 
ATOM   643 O O   . PHE A 1 93  ? -7.058  -7.700  8.543   1.00 27.02 ? 90  PHE A O   1 
ATOM   644 C CB  . PHE A 1 93  ? -4.708  -7.799  10.684  1.00 28.15 ? 90  PHE A CB  1 
ATOM   645 C CG  . PHE A 1 93  ? -3.932  -9.042  10.317  1.00 31.99 ? 90  PHE A CG  1 
ATOM   646 C CD1 . PHE A 1 93  ? -2.553  -8.992  10.128  1.00 31.81 ? 90  PHE A CD1 1 
ATOM   647 C CD2 . PHE A 1 93  ? -4.595  -10.245 10.068  1.00 30.16 ? 90  PHE A CD2 1 
ATOM   648 C CE1 . PHE A 1 93  ? -1.843  -10.114 9.694   1.00 30.21 ? 90  PHE A CE1 1 
ATOM   649 C CE2 . PHE A 1 93  ? -3.899  -11.371 9.633   1.00 27.00 ? 90  PHE A CE2 1 
ATOM   650 C CZ  . PHE A 1 93  ? -2.520  -11.306 9.444   1.00 35.57 ? 90  PHE A CZ  1 
ATOM   651 N N   . GLN A 1 94  ? -5.159  -8.290  7.498   1.00 27.37 ? 91  GLN A N   1 
ATOM   652 C CA  . GLN A 1 94  ? -5.840  -9.081  6.470   1.00 33.81 ? 91  GLN A CA  1 
ATOM   653 C C   . GLN A 1 94  ? -4.910  -10.199 6.010   1.00 34.95 ? 91  GLN A C   1 
ATOM   654 O O   . GLN A 1 94  ? -3.724  -9.959  5.759   1.00 37.11 ? 91  GLN A O   1 
ATOM   655 C CB  . GLN A 1 94  ? -6.185  -8.222  5.247   1.00 39.30 ? 91  GLN A CB  1 
ATOM   656 C CG  . GLN A 1 94  ? -7.081  -6.998  5.474   1.00 49.82 ? 91  GLN A CG  1 
ATOM   657 C CD  . GLN A 1 94  ? -8.497  -7.346  5.890   1.00 53.93 ? 91  GLN A CD  1 
ATOM   658 O OE1 . GLN A 1 94  ? -9.124  -8.236  5.319   1.00 53.72 ? 91  GLN A OE1 1 
ATOM   659 N NE2 . GLN A 1 94  ? -9.021  -6.619  6.874   1.00 58.62 ? 91  GLN A NE2 1 
ATOM   660 N N   . PRO A 1 95  ? -5.418  -11.439 5.912   1.00 35.71 ? 92  PRO A N   1 
ATOM   661 C CA  . PRO A 1 95  ? -4.558  -12.537 5.464   1.00 35.97 ? 92  PRO A CA  1 
ATOM   662 C C   . PRO A 1 95  ? -4.245  -12.365 3.970   1.00 36.68 ? 92  PRO A C   1 
ATOM   663 O O   . PRO A 1 95  ? -4.974  -11.669 3.252   1.00 31.68 ? 92  PRO A O   1 
ATOM   664 C CB  . PRO A 1 95  ? -5.421  -13.761 5.735   1.00 41.69 ? 92  PRO A CB  1 
ATOM   665 C CG  . PRO A 1 95  ? -6.792  -13.230 5.400   1.00 36.06 ? 92  PRO A CG  1 
ATOM   666 C CD  . PRO A 1 95  ? -6.762  -11.955 6.226   1.00 36.43 ? 92  PRO A CD  1 
ATOM   667 N N   . LYS A 1 96  ? -3.169  -13.001 3.515   1.00 33.74 ? 93  LYS A N   1 
ATOM   668 C CA  . LYS A 1 96  ? -2.741  -12.922 2.121   1.00 38.35 ? 93  LYS A CA  1 
ATOM   669 C C   . LYS A 1 96  ? -3.899  -13.143 1.148   1.00 39.97 ? 93  LYS A C   1 
ATOM   670 O O   . LYS A 1 96  ? -4.052  -12.397 0.186   1.00 42.81 ? 93  LYS A O   1 
ATOM   671 C CB  . LYS A 1 96  ? -1.633  -13.949 1.856   1.00 36.09 ? 93  LYS A CB  1 
ATOM   672 C CG  . LYS A 1 96  ? -0.978  -13.841 0.487   1.00 33.72 ? 93  LYS A CG  1 
ATOM   673 N N   . GLU A 1 97  ? -4.714  -14.161 1.413   1.00 44.63 ? 94  GLU A N   1 
ATOM   674 C CA  . GLU A 1 97  ? -5.862  -14.490 0.566   1.00 46.84 ? 94  GLU A CA  1 
ATOM   675 C C   . GLU A 1 97  ? -6.708  -13.260 0.242   1.00 45.29 ? 94  GLU A C   1 
ATOM   676 O O   . GLU A 1 97  ? -6.922  -12.940 -0.925  1.00 43.80 ? 94  GLU A O   1 
ATOM   677 C CB  . GLU A 1 97  ? -6.775  -15.532 1.237   1.00 52.19 ? 94  GLU A CB  1 
ATOM   678 C CG  . GLU A 1 97  ? -6.141  -16.866 1.658   1.00 60.74 ? 94  GLU A CG  1 
ATOM   679 C CD  . GLU A 1 97  ? -5.321  -16.783 2.945   1.00 67.01 ? 94  GLU A CD  1 
ATOM   680 O OE1 . GLU A 1 97  ? -4.203  -16.220 2.921   1.00 67.97 ? 94  GLU A OE1 1 
ATOM   681 O OE2 . GLU A 1 97  ? -5.804  -17.278 3.991   1.00 67.17 ? 94  GLU A OE2 1 
ATOM   682 N N   . ASN A 1 98  ? -7.200  -12.587 1.281   1.00 47.60 ? 95  ASN A N   1 
ATOM   683 C CA  . ASN A 1 98  ? -8.035  -11.395 1.111   1.00 46.35 ? 95  ASN A CA  1 
ATOM   684 C C   . ASN A 1 98  ? -7.379  -10.261 0.326   1.00 45.67 ? 95  ASN A C   1 
ATOM   685 O O   . ASN A 1 98  ? -8.060  -9.527  -0.392  1.00 45.72 ? 95  ASN A O   1 
ATOM   686 C CB  . ASN A 1 98  ? -8.486  -10.859 2.473   1.00 49.68 ? 95  ASN A CB  1 
ATOM   687 C CG  . ASN A 1 98  ? -9.528  -11.741 3.131   1.00 59.64 ? 95  ASN A CG  1 
ATOM   688 O OD1 . ASN A 1 98  ? -10.622 -11.927 2.597   1.00 63.03 ? 95  ASN A OD1 1 
ATOM   689 N ND2 . ASN A 1 98  ? -9.196  -12.288 4.292   1.00 61.53 ? 95  ASN A ND2 1 
ATOM   690 N N   . LEU A 1 99  ? -6.067  -10.104 0.460   1.00 41.07 ? 96  LEU A N   1 
ATOM   691 C CA  . LEU A 1 99  ? -5.389  -9.040  -0.267  1.00 37.28 ? 96  LEU A CA  1 
ATOM   692 C C   . LEU A 1 99  ? -5.269  -9.402  -1.743  1.00 39.71 ? 96  LEU A C   1 
ATOM   693 O O   . LEU A 1 99  ? -5.498  -8.557  -2.611  1.00 32.03 ? 96  LEU A O   1 
ATOM   694 C CB  . LEU A 1 99  ? -4.013  -8.763  0.335   1.00 31.17 ? 96  LEU A CB  1 
ATOM   695 C CG  . LEU A 1 99  ? -4.031  -8.194  1.758   1.00 39.90 ? 96  LEU A CG  1 
ATOM   696 C CD1 . LEU A 1 99  ? -2.609  -7.876  2.183   1.00 38.65 ? 96  LEU A CD1 1 
ATOM   697 C CD2 . LEU A 1 99  ? -4.894  -6.925  1.814   1.00 39.05 ? 96  LEU A CD2 1 
ATOM   698 N N   . ALA A 1 100 ? -4.925  -10.659 -2.019  1.00 35.67 ? 97  ALA A N   1 
ATOM   699 C CA  . ALA A 1 100 ? -4.796  -11.128 -3.397  1.00 40.26 ? 97  ALA A CA  1 
ATOM   700 C C   . ALA A 1 100 ? -6.149  -10.962 -4.077  1.00 39.73 ? 97  ALA A C   1 
ATOM   701 O O   . ALA A 1 100 ? -6.232  -10.598 -5.251  1.00 41.45 ? 97  ALA A O   1 
ATOM   702 C CB  . ALA A 1 100 ? -4.372  -12.593 -3.426  1.00 30.18 ? 97  ALA A CB  1 
ATOM   703 N N   . GLU A 1 101 ? -7.212  -11.217 -3.324  1.00 36.93 ? 98  GLU A N   1 
ATOM   704 C CA  . GLU A 1 101 ? -8.555  -11.080 -3.862  1.00 41.26 ? 98  GLU A CA  1 
ATOM   705 C C   . GLU A 1 101 ? -8.814  -9.649  -4.320  1.00 42.07 ? 98  GLU A C   1 
ATOM   706 O O   . GLU A 1 101 ? -9.323  -9.429  -5.417  1.00 45.76 ? 98  GLU A O   1 
ATOM   707 C CB  . GLU A 1 101 ? -9.594  -11.472 -2.812  1.00 39.93 ? 98  GLU A CB  1 
ATOM   708 C CG  . GLU A 1 101 ? -11.034 -11.365 -3.297  1.00 43.84 ? 98  GLU A CG  1 
ATOM   709 N N   . VAL A 1 102 ? -8.466  -8.679  -3.480  1.00 41.38 ? 99  VAL A N   1 
ATOM   710 C CA  . VAL A 1 102 ? -8.679  -7.273  -3.812  1.00 35.73 ? 99  VAL A CA  1 
ATOM   711 C C   . VAL A 1 102 ? -7.872  -6.835  -5.040  1.00 39.58 ? 99  VAL A C   1 
ATOM   712 O O   . VAL A 1 102 ? -8.326  -5.983  -5.809  1.00 44.06 ? 99  VAL A O   1 
ATOM   713 C CB  . VAL A 1 102 ? -8.326  -6.353  -2.612  1.00 39.77 ? 99  VAL A CB  1 
ATOM   714 C CG1 . VAL A 1 102 ? -8.586  -4.904  -2.972  1.00 32.75 ? 99  VAL A CG1 1 
ATOM   715 C CG2 . VAL A 1 102 ? -9.154  -6.740  -1.398  1.00 36.73 ? 99  VAL A CG2 1 
ATOM   716 N N   . LEU A 1 103 ? -6.688  -7.409  -5.230  1.00 32.96 ? 100 LEU A N   1 
ATOM   717 C CA  . LEU A 1 103 ? -5.864  -7.050  -6.380  1.00 40.61 ? 100 LEU A CA  1 
ATOM   718 C C   . LEU A 1 103 ? -6.414  -7.595  -7.692  1.00 45.48 ? 100 LEU A C   1 
ATOM   719 O O   . LEU A 1 103 ? -6.482  -6.869  -8.686  1.00 46.67 ? 100 LEU A O   1 
ATOM   720 C CB  . LEU A 1 103 ? -4.417  -7.534  -6.204  1.00 38.49 ? 100 LEU A CB  1 
ATOM   721 C CG  . LEU A 1 103 ? -3.540  -6.794  -5.191  1.00 40.57 ? 100 LEU A CG  1 
ATOM   722 C CD1 . LEU A 1 103 ? -2.155  -7.411  -5.169  1.00 32.15 ? 100 LEU A CD1 1 
ATOM   723 C CD2 . LEU A 1 103 ? -3.454  -5.316  -5.573  1.00 34.64 ? 100 LEU A CD2 1 
ATOM   724 N N   . ASP A 1 104 ? -6.808  -8.866  -7.701  1.00 45.34 ? 101 ASP A N   1 
ATOM   725 C CA  . ASP A 1 104 ? -7.332  -9.465  -8.922  1.00 49.22 ? 101 ASP A CA  1 
ATOM   726 C C   . ASP A 1 104 ? -8.608  -8.771  -9.354  1.00 46.25 ? 101 ASP A C   1 
ATOM   727 O O   . ASP A 1 104 ? -9.011  -8.855  -10.509 1.00 50.07 ? 101 ASP A O   1 
ATOM   728 C CB  . ASP A 1 104 ? -7.612  -10.957 -8.732  1.00 50.99 ? 101 ASP A CB  1 
ATOM   729 C CG  . ASP A 1 104 ? -6.411  -11.713 -8.219  1.00 52.26 ? 101 ASP A CG  1 
ATOM   730 O OD1 . ASP A 1 104 ? -5.288  -11.472 -8.713  1.00 52.35 ? 101 ASP A OD1 1 
ATOM   731 O OD2 . ASP A 1 104 ? -6.595  -12.567 -7.330  1.00 66.34 ? 101 ASP A OD2 1 
ATOM   732 N N   . LYS A 1 105 ? -9.245  -8.079  -8.420  1.00 47.43 ? 102 LYS A N   1 
ATOM   733 C CA  . LYS A 1 105 ? -10.478 -7.373  -8.722  1.00 46.00 ? 102 LYS A CA  1 
ATOM   734 C C   . LYS A 1 105 ? -10.195 -6.128  -9.562  1.00 48.00 ? 102 LYS A C   1 
ATOM   735 O O   . LYS A 1 105 ? -11.105 -5.560  -10.164 1.00 52.52 ? 102 LYS A O   1 
ATOM   736 C CB  . LYS A 1 105 ? -11.182 -6.979  -7.419  1.00 42.95 ? 102 LYS A CB  1 
ATOM   737 C CG  . LYS A 1 105 ? -12.504 -6.262  -7.608  1.00 47.48 ? 102 LYS A CG  1 
ATOM   738 N N   . HIS A 1 106 ? -8.932  -5.717  -9.620  1.00 46.66 ? 103 HIS A N   1 
ATOM   739 C CA  . HIS A 1 106 ? -8.556  -4.520  -10.373 1.00 47.80 ? 103 HIS A CA  1 
ATOM   740 C C   . HIS A 1 106 ? -7.549  -4.760  -11.482 1.00 42.99 ? 103 HIS A C   1 
ATOM   741 O O   . HIS A 1 106 ? -7.136  -3.823  -12.159 1.00 40.66 ? 103 HIS A O   1 
ATOM   742 C CB  . HIS A 1 106 ? -8.010  -3.456  -9.418  1.00 39.88 ? 103 HIS A CB  1 
ATOM   743 C CG  . HIS A 1 106 ? -9.010  -3.001  -8.406  1.00 39.62 ? 103 HIS A CG  1 
ATOM   744 N ND1 . HIS A 1 106 ? -10.148 -2.305  -8.750  1.00 44.39 ? 103 HIS A ND1 1 
ATOM   745 C CD2 . HIS A 1 106 ? -9.068  -3.178  -7.066  1.00 37.50 ? 103 HIS A CD2 1 
ATOM   746 C CE1 . HIS A 1 106 ? -10.866 -2.073  -7.665  1.00 48.75 ? 103 HIS A CE1 1 
ATOM   747 N NE2 . HIS A 1 106 ? -10.231 -2.593  -6.629  1.00 49.67 ? 103 HIS A NE2 1 
ATOM   748 N N   . LEU A 1 107 ? -7.141  -6.008  -11.660 1.00 48.33 ? 104 LEU A N   1 
ATOM   749 C CA  . LEU A 1 107 ? -6.194  -6.324  -12.718 1.00 54.85 ? 104 LEU A CA  1 
ATOM   750 C C   . LEU A 1 107 ? -6.958  -6.732  -13.972 1.00 59.30 ? 104 LEU A C   1 
ATOM   751 O O   . LEU A 1 107 ? -8.209  -6.763  -13.914 1.00 58.55 ? 104 LEU A O   1 
ATOM   752 C CB  . LEU A 1 107 ? -5.249  -7.442  -12.275 1.00 48.15 ? 104 LEU A CB  1 
ATOM   753 C CG  . LEU A 1 107 ? -4.266  -7.027  -11.178 1.00 49.46 ? 104 LEU A CG  1 
ATOM   754 C CD1 . LEU A 1 107 ? -3.437  -8.220  -10.721 1.00 46.71 ? 104 LEU A CD1 1 
ATOM   755 C CD2 . LEU A 1 107 ? -3.368  -5.925  -11.716 1.00 50.28 ? 104 LEU A CD2 1 
ATOM   756 O OXT . LEU A 1 107 ? -6.299  -7.004  -14.997 1.00 69.69 ? 104 LEU A OXT 1 
HETATM 757 O O   . HOH B 2 .   ? 12.941  1.241   -2.096  1.00 46.16 ? 105 HOH A O   1 
HETATM 758 O O   . HOH B 2 .   ? 6.344   -5.571  4.136   1.00 48.28 ? 106 HOH A O   1 
HETATM 759 O O   . HOH B 2 .   ? 6.431   -4.860  -5.834  1.00 34.15 ? 107 HOH A O   1 
HETATM 760 O O   . HOH B 2 .   ? 9.979   8.279   4.459   1.00 47.78 ? 108 HOH A O   1 
HETATM 761 O O   . HOH B 2 .   ? 8.199   6.046   3.287   1.00 27.11 ? 109 HOH A O   1 
HETATM 762 O O   . HOH B 2 .   ? 0.683   13.219  -2.626  1.00 59.86 ? 110 HOH A O   1 
HETATM 763 O O   . HOH B 2 .   ? 6.776   13.099  -7.899  1.00 70.52 ? 111 HOH A O   1 
HETATM 764 O O   . HOH B 2 .   ? 4.059   9.082   -14.395 1.00 53.41 ? 112 HOH A O   1 
HETATM 765 O O   . HOH B 2 .   ? -1.660  3.757   -10.431 1.00 29.73 ? 113 HOH A O   1 
HETATM 766 O O   . HOH B 2 .   ? 7.271   5.794   11.694  1.00 30.54 ? 114 HOH A O   1 
HETATM 767 O O   . HOH B 2 .   ? -5.217  4.073   14.010  1.00 74.91 ? 115 HOH A O   1 
HETATM 768 O O   . HOH B 2 .   ? -1.093  -1.321  15.838  1.00 38.03 ? 116 HOH A O   1 
HETATM 769 O O   . HOH B 2 .   ? 12.131  -8.094  5.184   1.00 57.44 ? 117 HOH A O   1 
HETATM 770 O O   . HOH B 2 .   ? 5.166   -7.066  -6.780  1.00 37.67 ? 118 HOH A O   1 
HETATM 771 O O   . HOH B 2 .   ? 0.432   -3.065  -12.851 1.00 41.51 ? 119 HOH A O   1 
HETATM 772 O O   . HOH B 2 .   ? -11.090 9.034   6.429   1.00 65.64 ? 120 HOH A O   1 
HETATM 773 O O   . HOH B 2 .   ? 3.429   -2.641  7.291   1.00 36.30 ? 121 HOH A O   1 
HETATM 774 O O   . HOH B 2 .   ? -11.230 -3.073  5.433   1.00 43.28 ? 122 HOH A O   1 
HETATM 775 O O   . HOH B 2 .   ? -7.608  -8.261  -16.992 1.00 67.07 ? 123 HOH A O   1 
HETATM 776 O O   . HOH B 2 .   ? -6.438  6.954   14.573  1.00 60.19 ? 124 HOH A O   1 
HETATM 777 O O   . HOH B 2 .   ? -2.838  4.063   14.094  1.00 63.64 ? 125 HOH A O   1 
HETATM 778 O O   . HOH B 2 .   ? -1.642  16.950  1.338   1.00 39.85 ? 126 HOH A O   1 
HETATM 779 O O   . HOH B 2 .   ? -3.988  -2.151  15.838  1.00 37.21 ? 127 HOH A O   1 
HETATM 780 O O   . HOH B 2 .   ? 4.476   13.690  -5.052  1.00 45.98 ? 128 HOH A O   1 
HETATM 781 O O   . HOH B 2 .   ? 7.045   -3.002  14.863  1.00 59.15 ? 129 HOH A O   1 
HETATM 782 O O   . HOH B 2 .   ? 5.999   -2.164  8.398   1.00 48.18 ? 130 HOH A O   1 
HETATM 783 O O   . HOH B 2 .   ? -13.913 1.095   -4.051  1.00 54.62 ? 131 HOH A O   1 
HETATM 784 O O   . HOH B 2 .   ? -8.026  15.562  4.915   1.00 81.97 ? 132 HOH A O   1 
HETATM 785 O O   . HOH B 2 .   ? 0.789   -1.414  7.846   1.00 46.23 ? 133 HOH A O   1 
HETATM 786 O O   . HOH B 2 .   ? 8.495   3.375   4.226   1.00 34.59 ? 134 HOH A O   1 
HETATM 787 O O   . HOH B 2 .   ? -4.965  10.337  -6.735  1.00 39.97 ? 135 HOH A O   1 
HETATM 788 O O   . HOH B 2 .   ? 6.051   2.258   -9.386  1.00 53.75 ? 136 HOH A O   1 
HETATM 789 O O   . HOH B 2 .   ? 0.731   12.037  9.247   1.00 57.27 ? 137 HOH A O   1 
HETATM 790 O O   . HOH B 2 .   ? -10.863 -0.859  -11.430 1.00 48.74 ? 138 HOH A O   1 
HETATM 791 O O   . HOH B 2 .   ? -12.924 1.351   -10.845 1.00 51.94 ? 139 HOH A O   1 
HETATM 792 O O   . HOH B 2 .   ? -12.010 -3.631  -0.326  1.00 54.09 ? 140 HOH A O   1 
HETATM 793 O O   . HOH B 2 .   ? -8.824  -6.093  9.741   1.00 50.23 ? 141 HOH A O   1 
HETATM 794 O O   . HOH B 2 .   ? 1.218   8.812   -17.735 1.00 66.13 ? 142 HOH A O   1 
HETATM 795 O O   . HOH B 2 .   ? 4.053   -11.515 12.217  1.00 54.43 ? 143 HOH A O   1 
HETATM 796 O O   . HOH B 2 .   ? 12.106  8.782   10.131  1.00 47.58 ? 144 HOH A O   1 
# 
